data_2ERO
#
_entry.id   2ERO
#
_cell.length_a   86.710
_cell.length_b   93.270
_cell.length_c   137.740
_cell.angle_alpha   90.00
_cell.angle_beta   90.00
_cell.angle_gamma   90.00
#
_symmetry.space_group_name_H-M   'P 21 21 21'
#
loop_
_entity.id
_entity.type
_entity.pdbx_description
1 polymer 'vascular apoptosis-inducing protein 1'
2 branched 2-acetamido-2-deoxy-beta-D-glucopyranose-(1-4)-2-acetamido-2-deoxy-beta-D-glucopyranose
3 non-polymer 'ZINC ION'
4 non-polymer 'CALCIUM ION'
5 non-polymer 'COBALT (III) ION'
6 water water
#
_entity_poly.entity_id   1
_entity_poly.type   'polypeptide(L)'
_entity_poly.pdbx_seq_one_letter_code
;QSNLTPEQQRYLNAKKYVKLFLVADYIMYLKYGRNLTAVRTRMYDIVNVITPIYHRMNIHVALVGLEIWSNTDKIIVQSS
ADVTLDLFAKWRATDLLSRKSHDNAQLLTGINFNGPTAGLGYLGGICNTMYSAGIVQDHSKIHHLVAIAMAHEMGHNLGM
DHDKDTCTCGTRPCVMAGALSCEASFLFSDCSQKDHREFLIKNMPQCILKKPLKTDVVSPAVCGNYFVEVGEECDCGSPR
TCRDPCCDATTCKLRQGAQCAEGLCCDQCRFKGAGTECRAAKDECDMADVCTGRSAECTDRFQRNGQPCKNNNGYCYNGK
CPIMADQCIALFGPGATVSQDACFQFNREGNHYGYCRKEQNTKIACEPQDVKCGRLYCFPNSPENKNPCNIYYSPNDEDK
GMVLPGTKCADRKACSNGQCVDVTTPY
;
_entity_poly.pdbx_strand_id   A,B
#
# COMPACT_ATOMS: atom_id res chain seq x y z
N SER A 2 -29.12 -26.40 25.50
CA SER A 2 -27.90 -26.24 26.34
C SER A 2 -27.13 -27.55 26.37
N ASN A 3 -27.78 -28.61 25.91
CA ASN A 3 -27.17 -29.93 25.86
C ASN A 3 -26.27 -30.03 24.63
N LEU A 4 -25.42 -31.04 24.59
CA LEU A 4 -24.52 -31.24 23.46
C LEU A 4 -24.64 -32.69 22.99
N THR A 5 -24.99 -32.88 21.72
CA THR A 5 -25.13 -34.23 21.19
C THR A 5 -23.76 -34.86 20.91
N PRO A 6 -23.69 -36.20 20.91
CA PRO A 6 -22.43 -36.89 20.65
C PRO A 6 -21.80 -36.45 19.34
N GLU A 7 -22.62 -36.26 18.31
CA GLU A 7 -22.12 -35.84 17.01
C GLU A 7 -21.51 -34.44 17.06
N GLN A 8 -22.08 -33.57 17.89
CA GLN A 8 -21.60 -32.21 18.03
C GLN A 8 -20.27 -32.19 18.80
N GLN A 9 -20.20 -32.93 19.89
CA GLN A 9 -18.99 -32.97 20.69
C GLN A 9 -17.85 -33.59 19.89
N ARG A 10 -18.18 -34.59 19.08
CA ARG A 10 -17.22 -35.29 18.24
C ARG A 10 -16.72 -34.31 17.18
N TYR A 11 -17.62 -33.46 16.70
CA TYR A 11 -17.25 -32.46 15.71
C TYR A 11 -16.30 -31.44 16.33
N LEU A 12 -16.67 -30.91 17.49
CA LEU A 12 -15.86 -29.92 18.21
C LEU A 12 -14.46 -30.42 18.55
N ASN A 13 -14.34 -31.71 18.89
CA ASN A 13 -13.06 -32.31 19.26
C ASN A 13 -12.11 -32.59 18.11
N ALA A 14 -12.64 -32.66 16.91
CA ALA A 14 -11.79 -32.96 15.77
C ALA A 14 -10.89 -31.77 15.43
N LYS A 15 -9.66 -32.09 15.04
CA LYS A 15 -8.67 -31.11 14.65
C LYS A 15 -9.24 -30.43 13.39
N LYS A 16 -9.09 -29.12 13.28
CA LYS A 16 -9.61 -28.44 12.10
C LYS A 16 -8.49 -27.98 11.19
N TYR A 17 -8.80 -27.88 9.90
CA TYR A 17 -7.83 -27.42 8.92
C TYR A 17 -8.55 -26.49 7.96
N VAL A 18 -7.85 -25.47 7.48
CA VAL A 18 -8.42 -24.58 6.49
C VAL A 18 -7.48 -24.63 5.29
N LYS A 19 -7.83 -25.45 4.30
CA LYS A 19 -7.03 -25.57 3.11
C LYS A 19 -7.33 -24.31 2.31
N LEU A 20 -6.40 -23.37 2.40
CA LEU A 20 -6.51 -22.06 1.79
C LEU A 20 -5.88 -21.84 0.42
N PHE A 21 -6.62 -21.14 -0.44
CA PHE A 21 -6.12 -20.81 -1.77
C PHE A 21 -6.03 -19.28 -1.84
N LEU A 22 -4.85 -18.76 -2.18
CA LEU A 22 -4.68 -17.32 -2.30
C LEU A 22 -4.48 -16.89 -3.75
N VAL A 23 -5.01 -15.72 -4.07
CA VAL A 23 -4.90 -15.17 -5.41
C VAL A 23 -4.46 -13.70 -5.33
N ALA A 24 -3.59 -13.30 -6.23
CA ALA A 24 -3.09 -11.93 -6.26
C ALA A 24 -3.43 -11.34 -7.64
N ASP A 25 -3.94 -10.10 -7.65
CA ASP A 25 -4.32 -9.47 -8.90
C ASP A 25 -3.16 -8.78 -9.62
N TYR A 26 -3.45 -8.25 -10.81
CA TYR A 26 -2.44 -7.60 -11.63
C TYR A 26 -1.75 -6.45 -10.92
N ILE A 27 -2.50 -5.65 -10.17
CA ILE A 27 -1.91 -4.53 -9.45
C ILE A 27 -0.82 -5.01 -8.48
N MET A 28 -1.07 -6.14 -7.80
CA MET A 28 -0.08 -6.69 -6.86
C MET A 28 1.19 -6.99 -7.67
N TYR A 29 1.01 -7.54 -8.86
CA TYR A 29 2.14 -7.87 -9.72
C TYR A 29 2.99 -6.63 -10.03
N LEU A 30 2.33 -5.53 -10.41
CA LEU A 30 3.04 -4.31 -10.74
C LEU A 30 3.60 -3.67 -9.47
N LYS A 31 2.80 -3.66 -8.43
CA LYS A 31 3.21 -3.09 -7.15
C LYS A 31 4.53 -3.68 -6.69
N TYR A 32 4.76 -4.96 -6.98
CA TYR A 32 6.02 -5.57 -6.57
C TYR A 32 7.05 -5.72 -7.67
N GLY A 33 7.03 -4.76 -8.59
CA GLY A 33 8.00 -4.72 -9.68
C GLY A 33 8.01 -5.88 -10.65
N ARG A 34 6.84 -6.46 -10.93
CA ARG A 34 6.75 -7.58 -11.86
C ARG A 34 7.70 -8.70 -11.43
N ASN A 35 7.84 -8.90 -10.12
CA ASN A 35 8.72 -9.92 -9.56
C ASN A 35 7.88 -11.00 -8.85
N LEU A 36 7.62 -12.11 -9.54
CA LEU A 36 6.80 -13.18 -8.96
C LEU A 36 7.36 -13.72 -7.64
N THR A 37 8.67 -13.65 -7.47
CA THR A 37 9.29 -14.13 -6.24
C THR A 37 8.87 -13.21 -5.10
N ALA A 38 8.88 -11.91 -5.39
CA ALA A 38 8.53 -10.91 -4.40
C ALA A 38 7.06 -11.04 -4.02
N VAL A 39 6.21 -11.27 -5.01
CA VAL A 39 4.78 -11.40 -4.73
C VAL A 39 4.52 -12.64 -3.88
N ARG A 40 5.14 -13.75 -4.27
CA ARG A 40 4.96 -15.00 -3.55
C ARG A 40 5.48 -14.88 -2.14
N THR A 41 6.65 -14.27 -2.00
CA THR A 41 7.24 -14.08 -0.68
C THR A 41 6.28 -13.29 0.21
N ARG A 42 5.62 -12.30 -0.40
CA ARG A 42 4.66 -11.47 0.33
C ARG A 42 3.51 -12.33 0.84
N MET A 43 3.03 -13.23 -0.01
CA MET A 43 1.92 -14.10 0.36
C MET A 43 2.31 -15.14 1.41
N TYR A 44 3.54 -15.67 1.31
CA TYR A 44 4.02 -16.65 2.28
C TYR A 44 4.13 -15.93 3.63
N ASP A 45 4.73 -14.75 3.61
CA ASP A 45 4.87 -13.96 4.83
C ASP A 45 3.54 -13.74 5.52
N ILE A 46 2.51 -13.45 4.72
CA ILE A 46 1.17 -13.23 5.26
C ILE A 46 0.63 -14.53 5.85
N VAL A 47 0.82 -15.64 5.14
CA VAL A 47 0.36 -16.91 5.66
C VAL A 47 1.07 -17.21 6.99
N ASN A 48 2.34 -16.80 7.08
CA ASN A 48 3.14 -17.01 8.28
C ASN A 48 2.57 -16.34 9.51
N VAL A 49 1.91 -15.20 9.33
CA VAL A 49 1.33 -14.48 10.45
C VAL A 49 -0.07 -15.02 10.77
N ILE A 50 -0.79 -15.44 9.73
CA ILE A 50 -2.14 -15.98 9.88
C ILE A 50 -2.21 -17.34 10.58
N THR A 51 -1.28 -18.23 10.25
CA THR A 51 -1.26 -19.57 10.85
C THR A 51 -1.22 -19.57 12.37
N PRO A 52 -0.24 -18.86 12.98
CA PRO A 52 -0.21 -18.85 14.44
C PRO A 52 -1.43 -18.16 15.02
N ILE A 53 -2.03 -17.24 14.25
CA ILE A 53 -3.23 -16.56 14.70
C ILE A 53 -4.37 -17.58 14.80
N TYR A 54 -4.44 -18.51 13.84
CA TYR A 54 -5.52 -19.48 13.87
C TYR A 54 -5.26 -20.76 14.64
N HIS A 55 -3.99 -21.10 14.89
CA HIS A 55 -3.71 -22.32 15.63
C HIS A 55 -4.26 -22.20 17.05
N ARG A 56 -4.38 -20.98 17.53
CA ARG A 56 -4.92 -20.75 18.86
C ARG A 56 -6.40 -21.11 18.86
N MET A 57 -7.01 -21.10 17.68
CA MET A 57 -8.42 -21.44 17.52
C MET A 57 -8.56 -22.90 17.10
N ASN A 58 -7.51 -23.69 17.35
CA ASN A 58 -7.52 -25.11 16.99
C ASN A 58 -7.66 -25.31 15.48
N ILE A 59 -7.35 -24.27 14.72
CA ILE A 59 -7.43 -24.34 13.27
C ILE A 59 -6.04 -24.31 12.63
N HIS A 60 -5.77 -25.27 11.76
CA HIS A 60 -4.48 -25.34 11.09
C HIS A 60 -4.61 -24.87 9.65
N VAL A 61 -4.11 -23.67 9.36
CA VAL A 61 -4.16 -23.11 8.02
C VAL A 61 -3.11 -23.75 7.12
N ALA A 62 -3.49 -24.09 5.90
CA ALA A 62 -2.58 -24.70 4.95
C ALA A 62 -2.81 -24.15 3.55
N LEU A 63 -1.76 -23.57 2.95
CA LEU A 63 -1.87 -23.02 1.61
C LEU A 63 -1.83 -24.16 0.58
N VAL A 64 -2.98 -24.47 -0.02
CA VAL A 64 -3.01 -25.54 -1.01
C VAL A 64 -3.05 -25.00 -2.43
N GLY A 65 -3.04 -23.68 -2.57
CA GLY A 65 -3.08 -23.08 -3.88
C GLY A 65 -2.62 -21.63 -3.90
N LEU A 66 -1.91 -21.26 -4.95
CA LEU A 66 -1.39 -19.90 -5.11
C LEU A 66 -1.45 -19.49 -6.58
N GLU A 67 -2.22 -18.44 -6.86
CA GLU A 67 -2.36 -17.95 -8.24
C GLU A 67 -2.14 -16.44 -8.34
N ILE A 68 -1.21 -16.05 -9.20
CA ILE A 68 -0.89 -14.64 -9.41
C ILE A 68 -1.27 -14.20 -10.83
N TRP A 69 -2.25 -13.32 -10.94
CA TRP A 69 -2.70 -12.83 -12.23
C TRP A 69 -1.71 -11.85 -12.86
N SER A 70 -0.53 -12.36 -13.20
CA SER A 70 0.54 -11.56 -13.78
C SER A 70 0.37 -11.21 -15.26
N ASN A 71 -0.75 -11.59 -15.84
CA ASN A 71 -1.01 -11.27 -17.23
C ASN A 71 -2.21 -10.36 -17.33
N THR A 72 -3.33 -10.83 -16.79
CA THR A 72 -4.58 -10.07 -16.80
C THR A 72 -5.46 -10.59 -15.67
N ASP A 73 -6.29 -9.73 -15.10
CA ASP A 73 -7.18 -10.12 -14.03
C ASP A 73 -8.23 -11.07 -14.63
N LYS A 74 -8.67 -12.07 -13.87
CA LYS A 74 -9.68 -13.00 -14.35
C LYS A 74 -11.06 -12.42 -14.12
N ILE A 75 -11.11 -11.33 -13.36
CA ILE A 75 -12.34 -10.61 -13.09
C ILE A 75 -11.97 -9.14 -13.09
N ILE A 76 -12.97 -8.27 -13.11
CA ILE A 76 -12.71 -6.85 -13.11
C ILE A 76 -12.61 -6.35 -11.66
N VAL A 77 -11.37 -6.24 -11.17
CA VAL A 77 -11.10 -5.78 -9.80
C VAL A 77 -11.48 -4.31 -9.72
N GLN A 78 -12.47 -3.98 -8.90
CA GLN A 78 -12.95 -2.61 -8.78
C GLN A 78 -12.83 -2.02 -7.39
N SER A 79 -12.78 -0.70 -7.31
CA SER A 79 -12.68 0.00 -6.04
C SER A 79 -13.86 -0.28 -5.13
N SER A 80 -14.96 -0.78 -5.69
CA SER A 80 -16.12 -1.12 -4.88
C SER A 80 -15.86 -2.52 -4.31
N ALA A 81 -15.81 -2.64 -2.99
CA ALA A 81 -15.55 -3.92 -2.35
C ALA A 81 -16.66 -4.94 -2.62
N ASP A 82 -17.90 -4.53 -2.40
CA ASP A 82 -19.05 -5.42 -2.60
C ASP A 82 -19.05 -6.08 -3.97
N VAL A 83 -18.80 -5.28 -5.01
CA VAL A 83 -18.79 -5.79 -6.38
C VAL A 83 -17.61 -6.72 -6.64
N THR A 84 -16.47 -6.42 -6.04
CA THR A 84 -15.29 -7.26 -6.24
C THR A 84 -15.44 -8.61 -5.53
N LEU A 85 -16.11 -8.63 -4.37
CA LEU A 85 -16.31 -9.86 -3.65
C LEU A 85 -17.22 -10.76 -4.48
N ASP A 86 -18.38 -10.22 -4.85
CA ASP A 86 -19.36 -10.95 -5.65
C ASP A 86 -18.73 -11.58 -6.89
N LEU A 87 -17.89 -10.82 -7.58
CA LEU A 87 -17.24 -11.32 -8.79
C LEU A 87 -16.18 -12.38 -8.49
N PHE A 88 -15.41 -12.17 -7.43
CA PHE A 88 -14.37 -13.12 -7.06
C PHE A 88 -14.97 -14.47 -6.62
N ALA A 89 -15.98 -14.41 -5.76
CA ALA A 89 -16.62 -15.63 -5.29
C ALA A 89 -17.20 -16.41 -6.48
N LYS A 90 -17.75 -15.70 -7.47
CA LYS A 90 -18.31 -16.36 -8.64
C LYS A 90 -17.22 -16.98 -9.51
N TRP A 91 -16.09 -16.31 -9.61
CA TRP A 91 -14.98 -16.82 -10.40
C TRP A 91 -14.46 -18.08 -9.72
N ARG A 92 -14.48 -18.07 -8.39
CA ARG A 92 -14.01 -19.19 -7.60
C ARG A 92 -14.95 -20.38 -7.80
N ALA A 93 -16.24 -20.13 -7.66
CA ALA A 93 -17.25 -21.16 -7.80
C ALA A 93 -17.41 -21.63 -9.24
N THR A 94 -16.68 -21.01 -10.17
CA THR A 94 -16.78 -21.37 -11.58
C THR A 94 -15.48 -21.82 -12.24
N ASP A 95 -14.41 -21.08 -12.01
CA ASP A 95 -13.14 -21.39 -12.64
C ASP A 95 -12.06 -22.00 -11.75
N LEU A 96 -12.14 -21.77 -10.43
CA LEU A 96 -11.11 -22.31 -9.54
C LEU A 96 -11.45 -23.65 -8.91
N LEU A 97 -12.69 -23.82 -8.45
CA LEU A 97 -13.10 -25.08 -7.83
C LEU A 97 -13.12 -26.25 -8.82
N SER A 98 -13.29 -25.94 -10.09
CA SER A 98 -13.31 -26.97 -11.12
C SER A 98 -11.88 -27.41 -11.44
N ARG A 99 -10.91 -26.63 -10.99
CA ARG A 99 -9.51 -26.92 -11.25
C ARG A 99 -8.72 -27.30 -9.98
N LYS A 100 -9.27 -26.99 -8.82
CA LYS A 100 -8.61 -27.29 -7.55
C LYS A 100 -9.57 -27.33 -6.36
N SER A 101 -9.39 -28.29 -5.48
CA SER A 101 -10.24 -28.41 -4.31
C SER A 101 -9.63 -27.66 -3.14
N HIS A 102 -10.41 -26.77 -2.53
CA HIS A 102 -9.93 -25.99 -1.39
C HIS A 102 -11.13 -25.58 -0.55
N ASP A 103 -10.87 -25.20 0.70
CA ASP A 103 -11.94 -24.82 1.62
C ASP A 103 -12.32 -23.34 1.60
N ASN A 104 -11.38 -22.49 1.21
CA ASN A 104 -11.63 -21.05 1.24
C ASN A 104 -10.57 -20.34 0.42
N ALA A 105 -10.97 -19.28 -0.27
CA ALA A 105 -10.04 -18.51 -1.08
C ALA A 105 -10.12 -17.05 -0.70
N GLN A 106 -9.00 -16.35 -0.84
CA GLN A 106 -8.93 -14.95 -0.51
C GLN A 106 -8.22 -14.23 -1.65
N LEU A 107 -8.76 -13.09 -2.06
CA LEU A 107 -8.14 -12.31 -3.12
C LEU A 107 -7.32 -11.20 -2.47
N LEU A 108 -6.01 -11.19 -2.71
CA LEU A 108 -5.17 -10.15 -2.18
C LEU A 108 -4.98 -9.16 -3.32
N THR A 109 -5.60 -7.99 -3.21
CA THR A 109 -5.51 -6.98 -4.27
C THR A 109 -4.78 -5.70 -3.89
N GLY A 110 -4.14 -5.10 -4.89
CA GLY A 110 -3.40 -3.87 -4.67
C GLY A 110 -4.25 -2.62 -4.86
N ILE A 111 -5.50 -2.80 -5.27
CA ILE A 111 -6.41 -1.69 -5.49
C ILE A 111 -6.89 -1.13 -4.13
N ASN A 112 -7.43 0.09 -4.14
CA ASN A 112 -7.93 0.69 -2.92
C ASN A 112 -9.44 0.61 -2.90
N PHE A 113 -10.00 0.02 -1.85
CA PHE A 113 -11.46 -0.08 -1.78
C PHE A 113 -12.04 1.22 -1.26
N ASN A 114 -13.14 1.67 -1.86
CA ASN A 114 -13.82 2.88 -1.46
C ASN A 114 -14.11 2.81 0.03
N GLY A 115 -13.98 3.93 0.72
CA GLY A 115 -14.24 3.93 2.15
C GLY A 115 -13.03 3.57 2.98
N PRO A 116 -13.22 3.40 4.30
CA PRO A 116 -12.16 3.06 5.25
C PRO A 116 -11.79 1.58 5.35
N THR A 117 -12.63 0.71 4.80
CA THR A 117 -12.39 -0.73 4.86
C THR A 117 -11.25 -1.24 3.98
N ALA A 118 -10.67 -2.36 4.40
CA ALA A 118 -9.56 -2.97 3.68
C ALA A 118 -9.85 -4.42 3.34
N GLY A 119 -11.13 -4.77 3.29
CA GLY A 119 -11.50 -6.13 2.97
C GLY A 119 -12.97 -6.40 3.14
N LEU A 120 -13.42 -7.55 2.66
CA LEU A 120 -14.82 -7.92 2.75
C LEU A 120 -14.93 -9.43 2.60
N GLY A 121 -15.91 -10.03 3.26
CA GLY A 121 -16.09 -11.47 3.18
C GLY A 121 -17.49 -11.90 3.59
N TYR A 122 -17.90 -13.07 3.15
CA TYR A 122 -19.23 -13.58 3.48
C TYR A 122 -19.29 -14.21 4.86
N LEU A 123 -20.26 -13.76 5.64
CA LEU A 123 -20.44 -14.25 7.00
C LEU A 123 -20.87 -15.71 7.02
N GLY A 124 -20.04 -16.54 7.67
CA GLY A 124 -20.33 -17.96 7.79
C GLY A 124 -20.35 -18.77 6.50
N GLY A 125 -19.64 -18.29 5.48
CA GLY A 125 -19.63 -19.00 4.22
C GLY A 125 -18.51 -20.01 4.04
N ILE A 126 -17.90 -20.44 5.15
CA ILE A 126 -16.80 -21.40 5.08
C ILE A 126 -17.26 -22.74 4.50
N CYS A 127 -16.48 -23.26 3.54
CA CYS A 127 -16.75 -24.52 2.84
C CYS A 127 -17.80 -24.39 1.74
N ASN A 128 -18.63 -23.35 1.80
CA ASN A 128 -19.65 -23.14 0.80
C ASN A 128 -19.00 -22.86 -0.56
N THR A 129 -19.42 -23.58 -1.60
CA THR A 129 -18.86 -23.41 -2.93
C THR A 129 -19.18 -22.03 -3.53
N MET A 130 -20.17 -21.35 -2.96
CA MET A 130 -20.58 -20.03 -3.42
C MET A 130 -19.94 -18.90 -2.61
N TYR A 131 -20.07 -19.00 -1.29
CA TYR A 131 -19.58 -17.96 -0.39
C TYR A 131 -18.38 -18.21 0.51
N SER A 132 -17.55 -19.20 0.21
CA SER A 132 -16.38 -19.40 1.07
C SER A 132 -15.24 -18.59 0.48
N ALA A 133 -15.37 -17.27 0.58
CA ALA A 133 -14.38 -16.36 0.03
C ALA A 133 -14.34 -15.02 0.73
N GLY A 134 -13.25 -14.29 0.46
CA GLY A 134 -13.04 -12.98 1.02
C GLY A 134 -12.03 -12.26 0.15
N ILE A 135 -11.97 -10.94 0.28
CA ILE A 135 -11.02 -10.13 -0.46
C ILE A 135 -10.29 -9.23 0.55
N VAL A 136 -9.00 -9.03 0.32
CA VAL A 136 -8.19 -8.22 1.22
C VAL A 136 -7.31 -7.24 0.46
N GLN A 137 -7.28 -6.00 0.93
CA GLN A 137 -6.46 -4.97 0.33
C GLN A 137 -5.08 -5.01 0.97
N ASP A 138 -4.04 -5.00 0.14
CA ASP A 138 -2.65 -4.98 0.60
C ASP A 138 -2.46 -3.52 1.01
N HIS A 139 -3.34 -3.08 1.93
CA HIS A 139 -3.42 -1.71 2.43
C HIS A 139 -2.27 -1.09 3.20
N SER A 140 -1.28 -1.89 3.59
CA SER A 140 -0.17 -1.35 4.35
C SER A 140 1.15 -2.00 3.95
N LYS A 141 2.24 -1.28 4.12
CA LYS A 141 3.55 -1.83 3.77
C LYS A 141 3.91 -2.90 4.80
N ILE A 142 3.34 -2.76 6.00
CA ILE A 142 3.58 -3.71 7.09
C ILE A 142 2.75 -4.96 6.80
N HIS A 143 3.40 -6.01 6.31
CA HIS A 143 2.68 -7.22 5.96
C HIS A 143 1.92 -7.89 7.10
N HIS A 144 2.31 -7.68 8.34
CA HIS A 144 1.57 -8.32 9.41
C HIS A 144 0.21 -7.65 9.63
N LEU A 145 0.08 -6.38 9.23
CA LEU A 145 -1.21 -5.68 9.35
C LEU A 145 -2.17 -6.20 8.28
N VAL A 146 -1.63 -6.48 7.10
CA VAL A 146 -2.44 -7.01 6.01
C VAL A 146 -2.93 -8.39 6.41
N ALA A 147 -2.04 -9.15 7.05
CA ALA A 147 -2.38 -10.50 7.50
C ALA A 147 -3.54 -10.47 8.48
N ILE A 148 -3.52 -9.50 9.39
CA ILE A 148 -4.60 -9.39 10.36
C ILE A 148 -5.91 -9.11 9.63
N ALA A 149 -5.84 -8.29 8.58
CA ALA A 149 -7.00 -7.95 7.78
C ALA A 149 -7.57 -9.22 7.14
N MET A 150 -6.68 -10.06 6.62
CA MET A 150 -7.09 -11.30 5.99
C MET A 150 -7.71 -12.24 7.01
N ALA A 151 -7.10 -12.32 8.20
CA ALA A 151 -7.60 -13.20 9.24
C ALA A 151 -9.00 -12.74 9.65
N HIS A 152 -9.23 -11.43 9.54
CA HIS A 152 -10.51 -10.81 9.85
C HIS A 152 -11.57 -11.32 8.87
N GLU A 153 -11.27 -11.31 7.57
CA GLU A 153 -12.21 -11.79 6.58
C GLU A 153 -12.46 -13.29 6.73
N MET A 154 -11.37 -14.05 6.91
CA MET A 154 -11.46 -15.48 7.11
C MET A 154 -12.28 -15.68 8.37
N GLY A 155 -12.15 -14.72 9.29
CA GLY A 155 -12.89 -14.78 10.53
C GLY A 155 -14.37 -14.71 10.24
N HIS A 156 -14.77 -13.76 9.40
CA HIS A 156 -16.17 -13.64 9.03
C HIS A 156 -16.60 -14.97 8.39
N ASN A 157 -15.76 -15.45 7.46
CA ASN A 157 -16.03 -16.70 6.77
C ASN A 157 -16.31 -17.82 7.77
N LEU A 158 -15.71 -17.71 8.95
CA LEU A 158 -15.85 -18.70 10.00
C LEU A 158 -16.96 -18.41 11.03
N GLY A 159 -17.85 -17.49 10.72
CA GLY A 159 -18.95 -17.19 11.60
C GLY A 159 -18.77 -16.10 12.66
N MET A 160 -17.72 -15.29 12.54
CA MET A 160 -17.49 -14.26 13.54
C MET A 160 -17.91 -12.86 13.09
N ASP A 161 -18.57 -12.15 13.99
CA ASP A 161 -19.03 -10.79 13.73
C ASP A 161 -17.98 -9.82 14.28
N HIS A 162 -18.18 -8.53 14.07
CA HIS A 162 -17.25 -7.55 14.58
C HIS A 162 -17.41 -7.45 16.09
N ASP A 163 -16.33 -7.11 16.78
CA ASP A 163 -16.37 -6.98 18.23
C ASP A 163 -17.15 -5.74 18.66
N LYS A 164 -17.67 -5.78 19.88
CA LYS A 164 -18.42 -4.67 20.45
C LYS A 164 -17.48 -3.97 21.43
N ASP A 165 -17.93 -2.87 22.02
CA ASP A 165 -17.11 -2.14 22.98
C ASP A 165 -16.80 -3.01 24.19
N THR A 166 -17.70 -3.94 24.49
CA THR A 166 -17.55 -4.82 25.63
C THR A 166 -16.72 -6.09 25.43
N CYS A 167 -16.39 -6.40 24.18
CA CYS A 167 -15.59 -7.59 23.89
C CYS A 167 -14.10 -7.29 24.06
N THR A 168 -13.35 -8.27 24.55
CA THR A 168 -11.92 -8.06 24.75
C THR A 168 -11.04 -9.29 24.57
N CYS A 169 -9.75 -9.03 24.41
CA CYS A 169 -8.72 -10.05 24.22
C CYS A 169 -7.44 -9.45 24.81
N GLY A 170 -7.60 -8.47 25.70
CA GLY A 170 -6.46 -7.84 26.31
C GLY A 170 -6.52 -6.32 26.32
N THR A 171 -5.38 -5.68 26.03
CA THR A 171 -5.28 -4.23 26.02
C THR A 171 -5.45 -3.68 24.60
N ARG A 172 -4.91 -4.41 23.62
CA ARG A 172 -4.99 -4.00 22.24
C ARG A 172 -6.25 -4.55 21.59
N PRO A 173 -6.68 -3.96 20.46
CA PRO A 173 -7.88 -4.44 19.79
C PRO A 173 -7.65 -5.84 19.20
N CYS A 174 -8.72 -6.59 19.03
CA CYS A 174 -8.63 -7.96 18.52
C CYS A 174 -8.80 -8.03 17.01
N VAL A 175 -8.58 -9.21 16.45
CA VAL A 175 -8.68 -9.43 15.02
C VAL A 175 -10.01 -8.99 14.44
N MET A 176 -11.10 -9.30 15.15
CA MET A 176 -12.42 -8.94 14.66
C MET A 176 -12.85 -7.52 15.03
N ALA A 177 -11.88 -6.63 15.22
CA ALA A 177 -12.19 -5.24 15.54
C ALA A 177 -12.92 -4.65 14.35
N GLY A 178 -13.97 -3.88 14.62
CA GLY A 178 -14.75 -3.26 13.56
C GLY A 178 -14.00 -2.41 12.57
N ALA A 179 -12.98 -1.69 13.03
CA ALA A 179 -12.20 -0.83 12.14
C ALA A 179 -10.69 -1.06 12.27
N LEU A 180 -9.95 -0.57 11.28
CA LEU A 180 -8.49 -0.72 11.26
C LEU A 180 -7.77 -0.02 12.40
N SER A 181 -6.46 -0.24 12.47
CA SER A 181 -5.61 0.35 13.51
C SER A 181 -4.27 -0.40 13.44
N CYS A 182 -3.15 0.32 13.60
CA CYS A 182 -1.85 -0.34 13.53
C CYS A 182 -1.42 -0.92 14.88
N GLU A 183 -2.33 -0.87 15.85
CA GLU A 183 -2.08 -1.41 17.18
C GLU A 183 -2.73 -2.78 17.27
N ALA A 184 -3.41 -3.17 16.20
CA ALA A 184 -4.09 -4.46 16.12
C ALA A 184 -3.27 -5.62 16.67
N SER A 185 -3.91 -6.44 17.50
CA SER A 185 -3.25 -7.60 18.08
C SER A 185 -3.51 -8.82 17.20
N PHE A 186 -2.99 -9.97 17.60
CA PHE A 186 -3.14 -11.20 16.85
C PHE A 186 -4.13 -12.15 17.54
N LEU A 187 -4.89 -11.63 18.49
CA LEU A 187 -5.82 -12.45 19.24
C LEU A 187 -7.29 -12.22 18.91
N PHE A 188 -8.10 -13.24 19.19
CA PHE A 188 -9.54 -13.17 18.96
C PHE A 188 -10.16 -12.90 20.33
N SER A 189 -11.15 -12.02 20.36
CA SER A 189 -11.84 -11.68 21.61
C SER A 189 -12.67 -12.86 22.09
N ASP A 190 -13.22 -12.74 23.30
CA ASP A 190 -14.05 -13.81 23.84
C ASP A 190 -15.33 -13.92 23.01
N CYS A 191 -15.86 -12.79 22.56
CA CYS A 191 -17.08 -12.79 21.76
C CYS A 191 -16.90 -13.56 20.46
N SER A 192 -15.75 -13.35 19.81
CA SER A 192 -15.46 -14.02 18.55
C SER A 192 -15.34 -15.52 18.79
N GLN A 193 -14.74 -15.89 19.91
CA GLN A 193 -14.57 -17.29 20.25
C GLN A 193 -15.89 -17.96 20.55
N LYS A 194 -16.82 -17.24 21.19
CA LYS A 194 -18.10 -17.85 21.49
C LYS A 194 -18.99 -17.93 20.25
N ASP A 195 -18.97 -16.89 19.43
CA ASP A 195 -19.78 -16.91 18.22
C ASP A 195 -19.29 -18.04 17.31
N HIS A 196 -17.97 -18.20 17.24
CA HIS A 196 -17.39 -19.23 16.40
C HIS A 196 -17.76 -20.63 16.88
N ARG A 197 -17.78 -20.83 18.19
CA ARG A 197 -18.14 -22.13 18.73
C ARG A 197 -19.58 -22.43 18.32
N GLU A 198 -20.47 -21.46 18.53
CA GLU A 198 -21.87 -21.63 18.20
C GLU A 198 -22.06 -21.87 16.70
N PHE A 199 -21.29 -21.17 15.88
CA PHE A 199 -21.40 -21.35 14.44
C PHE A 199 -21.01 -22.77 14.04
N LEU A 200 -20.06 -23.36 14.75
CA LEU A 200 -19.62 -24.70 14.42
C LEU A 200 -20.62 -25.76 14.87
N ILE A 201 -21.14 -25.60 16.07
CA ILE A 201 -22.11 -26.54 16.60
C ILE A 201 -23.38 -26.55 15.76
N LYS A 202 -23.75 -25.39 15.23
CA LYS A 202 -24.96 -25.27 14.43
C LYS A 202 -24.80 -25.66 12.97
N ASN A 203 -23.66 -25.36 12.37
CA ASN A 203 -23.43 -25.67 10.96
C ASN A 203 -22.48 -26.84 10.67
N MET A 204 -21.65 -27.19 11.64
CA MET A 204 -20.69 -28.28 11.50
C MET A 204 -20.15 -28.45 10.08
N PRO A 205 -19.51 -27.40 9.51
CA PRO A 205 -18.96 -27.51 8.15
C PRO A 205 -17.96 -28.67 8.09
N GLN A 206 -18.14 -29.53 7.10
CA GLN A 206 -17.32 -30.72 6.95
C GLN A 206 -15.95 -30.61 6.29
N CYS A 207 -15.81 -29.69 5.35
CA CYS A 207 -14.53 -29.57 4.64
C CYS A 207 -13.33 -29.27 5.55
N ILE A 208 -13.55 -28.59 6.66
CA ILE A 208 -12.45 -28.27 7.56
C ILE A 208 -12.04 -29.40 8.50
N LEU A 209 -12.55 -30.61 8.26
CA LEU A 209 -12.19 -31.77 9.06
C LEU A 209 -11.13 -32.56 8.32
N LYS A 210 -11.15 -32.44 6.99
CA LYS A 210 -10.22 -33.14 6.12
C LYS A 210 -8.83 -32.50 6.12
N LYS A 211 -7.85 -33.30 6.53
CA LYS A 211 -6.47 -32.83 6.58
C LYS A 211 -5.88 -32.91 5.16
N PRO A 212 -5.10 -31.89 4.77
CA PRO A 212 -4.49 -31.90 3.44
C PRO A 212 -3.24 -32.78 3.41
N LEU A 213 -2.97 -33.40 2.26
CA LEU A 213 -1.79 -34.25 2.13
C LEU A 213 -0.54 -33.38 2.10
N LYS A 214 0.54 -33.88 2.67
CA LYS A 214 1.80 -33.14 2.70
C LYS A 214 2.19 -32.65 1.31
N THR A 215 1.65 -33.30 0.27
CA THR A 215 1.96 -32.91 -1.10
C THR A 215 0.96 -31.92 -1.68
N ASP A 216 -0.06 -31.58 -0.90
CA ASP A 216 -1.07 -30.61 -1.36
C ASP A 216 -0.65 -29.19 -0.99
N VAL A 217 0.23 -29.07 0.00
CA VAL A 217 0.73 -27.77 0.46
C VAL A 217 1.76 -27.19 -0.51
N VAL A 218 1.40 -26.09 -1.16
CA VAL A 218 2.28 -25.44 -2.14
C VAL A 218 3.23 -24.40 -1.54
N SER A 219 3.08 -24.11 -0.26
CA SER A 219 3.95 -23.14 0.39
C SER A 219 5.28 -23.80 0.78
N PRO A 220 6.39 -23.05 0.72
CA PRO A 220 7.69 -23.61 1.08
C PRO A 220 7.65 -24.08 2.54
N ALA A 221 8.05 -25.34 2.76
CA ALA A 221 8.05 -25.91 4.10
C ALA A 221 8.57 -24.92 5.15
N VAL A 222 7.88 -24.83 6.28
CA VAL A 222 8.29 -23.94 7.35
C VAL A 222 8.29 -24.68 8.68
N CYS A 223 9.41 -24.65 9.39
CA CYS A 223 9.46 -25.31 10.68
C CYS A 223 8.94 -24.33 11.73
N GLY A 224 7.75 -24.64 12.25
CA GLY A 224 7.15 -23.78 13.25
C GLY A 224 5.82 -23.24 12.75
N ASN A 225 5.24 -23.89 11.75
CA ASN A 225 3.97 -23.45 11.20
C ASN A 225 2.84 -24.41 11.59
N TYR A 226 3.08 -25.21 12.62
CA TYR A 226 2.10 -26.15 13.14
C TYR A 226 1.62 -27.22 12.17
N PHE A 227 2.31 -27.38 11.05
CA PHE A 227 1.91 -28.39 10.09
C PHE A 227 3.14 -29.20 9.70
N VAL A 228 3.07 -30.51 9.90
CA VAL A 228 4.17 -31.39 9.58
C VAL A 228 4.22 -31.56 8.06
N GLU A 229 5.19 -30.92 7.44
CA GLU A 229 5.35 -30.96 5.99
C GLU A 229 6.41 -31.97 5.57
N VAL A 230 6.81 -31.92 4.30
CA VAL A 230 7.83 -32.82 3.77
C VAL A 230 9.19 -32.52 4.40
N GLY A 231 9.80 -33.54 4.99
CA GLY A 231 11.10 -33.36 5.61
C GLY A 231 11.04 -33.05 7.11
N GLU A 232 9.85 -33.03 7.68
CA GLU A 232 9.68 -32.75 9.10
C GLU A 232 9.02 -33.94 9.79
N GLU A 233 9.38 -34.18 11.05
CA GLU A 233 8.79 -35.28 11.81
C GLU A 233 7.72 -34.73 12.75
N CYS A 234 7.88 -33.48 13.16
CA CYS A 234 6.94 -32.83 14.05
C CYS A 234 7.09 -31.32 13.93
N ASP A 235 6.07 -30.58 14.34
CA ASP A 235 6.09 -29.13 14.25
C ASP A 235 5.16 -28.54 15.29
N CYS A 236 5.74 -27.93 16.32
CA CYS A 236 4.98 -27.34 17.41
C CYS A 236 5.09 -25.82 17.41
N GLY A 237 5.29 -25.24 16.22
CA GLY A 237 5.41 -23.80 16.13
C GLY A 237 6.81 -23.31 16.40
N SER A 238 6.96 -22.02 16.69
CA SER A 238 8.27 -21.44 16.95
C SER A 238 8.84 -21.87 18.30
N PRO A 239 10.17 -22.08 18.36
CA PRO A 239 10.87 -22.49 19.57
C PRO A 239 10.42 -21.77 20.84
N ARG A 240 10.13 -20.49 20.71
CA ARG A 240 9.69 -19.68 21.84
C ARG A 240 8.31 -20.05 22.36
N THR A 241 7.41 -20.45 21.47
CA THR A 241 6.06 -20.82 21.87
C THR A 241 5.89 -22.32 22.15
N CYS A 242 6.54 -23.15 21.35
CA CYS A 242 6.46 -24.61 21.51
C CYS A 242 6.55 -25.09 22.95
N ARG A 243 5.64 -25.99 23.32
CA ARG A 243 5.61 -26.56 24.66
C ARG A 243 5.46 -28.08 24.54
N ASP A 244 5.79 -28.62 23.37
CA ASP A 244 5.70 -30.04 23.10
C ASP A 244 6.96 -30.74 23.62
N PRO A 245 6.80 -31.61 24.63
CA PRO A 245 7.94 -32.33 25.21
C PRO A 245 8.54 -33.38 24.28
N CYS A 246 7.91 -33.60 23.14
CA CYS A 246 8.37 -34.60 22.18
C CYS A 246 9.10 -34.04 20.99
N CYS A 247 8.82 -32.78 20.67
CA CYS A 247 9.42 -32.16 19.50
C CYS A 247 10.56 -31.16 19.71
N ASP A 248 11.48 -31.14 18.76
CA ASP A 248 12.61 -30.20 18.79
C ASP A 248 12.17 -29.08 17.85
N ALA A 249 11.51 -28.07 18.43
CA ALA A 249 11.00 -26.92 17.68
C ALA A 249 12.01 -26.32 16.72
N THR A 250 13.28 -26.36 17.08
CA THR A 250 14.32 -25.79 16.23
C THR A 250 14.58 -26.56 14.94
N THR A 251 14.50 -27.89 15.00
CA THR A 251 14.77 -28.70 13.83
C THR A 251 13.54 -29.44 13.30
N CYS A 252 12.44 -29.35 14.04
CA CYS A 252 11.23 -30.03 13.66
C CYS A 252 11.45 -31.53 13.59
N LYS A 253 12.37 -32.00 14.43
CA LYS A 253 12.69 -33.41 14.55
C LYS A 253 12.17 -33.91 15.89
N LEU A 254 11.92 -35.20 16.01
CA LEU A 254 11.45 -35.77 17.27
C LEU A 254 12.63 -35.86 18.21
N ARG A 255 12.41 -35.57 19.48
CA ARG A 255 13.49 -35.63 20.46
C ARG A 255 13.90 -37.08 20.73
N GLN A 256 15.03 -37.23 21.41
CA GLN A 256 15.55 -38.54 21.75
C GLN A 256 14.56 -39.33 22.63
N GLY A 257 14.25 -40.55 22.23
CA GLY A 257 13.33 -41.37 23.01
C GLY A 257 11.87 -41.20 22.63
N ALA A 258 11.62 -40.41 21.60
CA ALA A 258 10.25 -40.17 21.15
C ALA A 258 9.95 -40.92 19.85
N GLN A 259 8.78 -41.54 19.79
CA GLN A 259 8.37 -42.25 18.58
C GLN A 259 7.33 -41.41 17.83
N CYS A 260 6.66 -40.52 18.55
CA CYS A 260 5.61 -39.67 17.99
C CYS A 260 5.41 -38.41 18.82
N ALA A 261 4.65 -37.47 18.26
CA ALA A 261 4.36 -36.20 18.93
C ALA A 261 2.86 -35.97 19.07
N GLU A 262 2.11 -36.32 18.03
CA GLU A 262 0.66 -36.17 18.04
C GLU A 262 -0.03 -37.42 17.49
N GLY A 263 -1.33 -37.56 17.76
CA GLY A 263 -2.07 -38.71 17.27
C GLY A 263 -2.87 -39.40 18.37
N LEU A 264 -3.96 -40.05 17.98
CA LEU A 264 -4.82 -40.75 18.95
C LEU A 264 -4.11 -41.94 19.58
N CYS A 265 -3.09 -42.45 18.90
CA CYS A 265 -2.34 -43.59 19.41
C CYS A 265 -0.96 -43.17 19.90
N CYS A 266 -0.86 -41.92 20.32
CA CYS A 266 0.39 -41.38 20.83
C CYS A 266 0.12 -40.84 22.24
N ASP A 267 1.04 -41.12 23.17
CA ASP A 267 0.90 -40.65 24.54
C ASP A 267 2.28 -40.47 25.15
N GLN A 268 2.53 -39.29 25.68
CA GLN A 268 3.82 -38.99 26.29
C GLN A 268 4.98 -39.37 25.36
N CYS A 269 4.82 -39.00 24.09
CA CYS A 269 5.82 -39.23 23.05
C CYS A 269 6.02 -40.68 22.60
N ARG A 270 5.14 -41.58 23.04
CA ARG A 270 5.27 -42.99 22.71
C ARG A 270 4.02 -43.60 22.10
N PHE A 271 4.20 -44.62 21.26
CA PHE A 271 3.07 -45.31 20.63
C PHE A 271 2.32 -46.07 21.74
N LYS A 272 0.99 -46.00 21.73
CA LYS A 272 0.22 -46.73 22.73
C LYS A 272 0.29 -48.22 22.43
N GLY A 273 0.14 -49.05 23.46
CA GLY A 273 0.22 -50.48 23.26
C GLY A 273 -0.71 -51.05 22.20
N ALA A 274 -0.26 -52.10 21.53
CA ALA A 274 -1.07 -52.75 20.52
C ALA A 274 -2.37 -53.25 21.16
N GLY A 275 -3.49 -53.00 20.50
CA GLY A 275 -4.77 -53.44 21.04
C GLY A 275 -5.53 -52.41 21.85
N THR A 276 -4.91 -51.27 22.14
CA THR A 276 -5.56 -50.22 22.92
C THR A 276 -6.64 -49.53 22.08
N GLU A 277 -7.80 -49.25 22.67
CA GLU A 277 -8.88 -48.60 21.93
C GLU A 277 -8.62 -47.11 21.81
N CYS A 278 -8.69 -46.61 20.57
CA CYS A 278 -8.46 -45.21 20.32
C CYS A 278 -9.67 -44.47 19.78
N ARG A 279 -10.71 -45.21 19.39
CA ARG A 279 -11.93 -44.59 18.88
C ARG A 279 -13.12 -45.53 19.00
N ALA A 280 -14.07 -45.18 19.88
CA ALA A 280 -15.25 -45.99 20.06
C ALA A 280 -16.14 -45.90 18.82
N ALA A 281 -16.93 -46.94 18.58
CA ALA A 281 -17.84 -46.96 17.43
C ALA A 281 -18.91 -45.90 17.65
N LYS A 282 -19.17 -45.09 16.65
CA LYS A 282 -20.18 -44.04 16.78
C LYS A 282 -21.59 -44.51 16.44
N ASP A 283 -21.71 -45.55 15.62
CA ASP A 283 -23.01 -46.09 15.26
C ASP A 283 -22.95 -47.56 14.85
N GLU A 284 -24.10 -48.13 14.53
CA GLU A 284 -24.23 -49.53 14.15
C GLU A 284 -23.40 -49.99 12.94
N CYS A 285 -22.89 -49.06 12.14
CA CYS A 285 -22.08 -49.40 10.98
C CYS A 285 -20.60 -49.10 11.23
N ASP A 286 -20.30 -48.72 12.46
CA ASP A 286 -18.95 -48.39 12.86
C ASP A 286 -18.41 -49.49 13.78
N MET A 287 -17.09 -49.57 13.88
CA MET A 287 -16.45 -50.56 14.74
C MET A 287 -15.37 -49.87 15.56
N ALA A 288 -15.26 -50.23 16.83
CA ALA A 288 -14.25 -49.63 17.70
C ALA A 288 -12.89 -49.85 17.04
N ASP A 289 -12.05 -48.83 17.10
CA ASP A 289 -10.73 -48.92 16.50
C ASP A 289 -9.66 -49.15 17.55
N VAL A 290 -8.58 -49.78 17.14
CA VAL A 290 -7.49 -50.12 18.04
C VAL A 290 -6.11 -49.72 17.53
N CYS A 291 -5.20 -49.43 18.45
CA CYS A 291 -3.83 -49.04 18.09
C CYS A 291 -3.01 -50.26 17.72
N THR A 292 -2.03 -50.07 16.85
CA THR A 292 -1.19 -51.16 16.40
C THR A 292 0.03 -51.34 17.29
N GLY A 293 0.43 -50.27 17.96
CA GLY A 293 1.59 -50.32 18.81
C GLY A 293 2.82 -49.92 18.01
N ARG A 294 2.61 -49.61 16.74
CA ARG A 294 3.70 -49.21 15.85
C ARG A 294 3.35 -47.93 15.11
N SER A 295 2.21 -47.35 15.42
CA SER A 295 1.78 -46.14 14.74
C SER A 295 1.10 -45.18 15.70
N ALA A 296 1.19 -43.90 15.41
CA ALA A 296 0.57 -42.89 16.25
C ALA A 296 -0.86 -42.63 15.80
N GLU A 297 -1.19 -43.07 14.59
CA GLU A 297 -2.52 -42.88 14.05
C GLU A 297 -3.46 -44.02 14.42
N CYS A 298 -4.74 -43.76 14.30
CA CYS A 298 -5.78 -44.73 14.63
C CYS A 298 -6.71 -44.86 13.43
N THR A 299 -6.38 -45.78 12.52
CA THR A 299 -7.19 -45.98 11.33
C THR A 299 -8.63 -46.30 11.69
N ASP A 300 -9.56 -45.56 11.10
CA ASP A 300 -10.99 -45.75 11.36
C ASP A 300 -11.56 -46.92 10.58
N ARG A 301 -11.81 -48.04 11.25
CA ARG A 301 -12.35 -49.21 10.60
C ARG A 301 -13.86 -49.30 10.86
N PHE A 302 -14.59 -49.77 9.86
CA PHE A 302 -16.04 -49.90 9.95
C PHE A 302 -16.47 -51.34 9.89
N GLN A 303 -17.76 -51.56 10.12
CA GLN A 303 -18.35 -52.89 10.06
C GLN A 303 -18.23 -53.31 8.60
N ARG A 304 -18.20 -54.62 8.35
CA ARG A 304 -18.10 -55.10 6.97
C ARG A 304 -19.36 -54.78 6.19
N ASN A 305 -19.18 -54.25 4.97
CA ASN A 305 -20.31 -53.90 4.13
C ASN A 305 -21.25 -55.09 3.97
N GLY A 306 -22.55 -54.85 4.14
CA GLY A 306 -23.54 -55.91 4.03
C GLY A 306 -24.28 -56.05 5.34
N GLN A 307 -23.68 -55.52 6.40
CA GLN A 307 -24.25 -55.56 7.73
C GLN A 307 -25.61 -54.86 7.73
N PRO A 308 -26.68 -55.58 8.09
CA PRO A 308 -28.02 -54.98 8.12
C PRO A 308 -28.07 -53.84 9.13
N CYS A 309 -28.64 -52.71 8.71
CA CYS A 309 -28.73 -51.53 9.57
C CYS A 309 -30.07 -50.80 9.44
N LYS A 310 -30.30 -49.86 10.34
CA LYS A 310 -31.54 -49.08 10.39
C LYS A 310 -32.76 -49.99 10.37
N ASN A 311 -32.84 -50.84 11.39
CA ASN A 311 -33.93 -51.79 11.55
C ASN A 311 -34.24 -52.52 10.24
N ASN A 312 -33.20 -53.11 9.66
CA ASN A 312 -33.31 -53.86 8.42
C ASN A 312 -33.85 -53.09 7.24
N ASN A 313 -33.54 -51.80 7.16
CA ASN A 313 -33.98 -50.98 6.04
C ASN A 313 -32.79 -50.69 5.15
N GLY A 314 -31.60 -50.90 5.68
CA GLY A 314 -30.40 -50.66 4.91
C GLY A 314 -29.28 -51.64 5.22
N TYR A 315 -28.18 -51.49 4.48
CA TYR A 315 -27.02 -52.35 4.66
C TYR A 315 -25.81 -51.45 4.75
N CYS A 316 -24.94 -51.69 5.73
CA CYS A 316 -23.76 -50.87 5.89
C CYS A 316 -22.92 -50.77 4.63
N TYR A 317 -22.46 -49.56 4.33
CA TYR A 317 -21.62 -49.32 3.19
C TYR A 317 -20.55 -48.29 3.58
N ASN A 318 -19.32 -48.76 3.70
CA ASN A 318 -18.18 -47.93 4.08
C ASN A 318 -18.45 -47.03 5.29
N GLY A 319 -18.97 -47.60 6.36
CA GLY A 319 -19.22 -46.83 7.56
C GLY A 319 -20.57 -46.14 7.67
N LYS A 320 -21.37 -46.18 6.61
CA LYS A 320 -22.68 -45.55 6.65
C LYS A 320 -23.81 -46.51 6.28
N CYS A 321 -25.03 -46.09 6.56
CA CYS A 321 -26.22 -46.87 6.25
C CYS A 321 -27.09 -46.05 5.31
N PRO A 322 -26.76 -46.06 4.01
CA PRO A 322 -27.55 -45.29 3.02
C PRO A 322 -28.88 -45.93 2.64
N ILE A 323 -29.97 -45.19 2.82
CA ILE A 323 -31.31 -45.65 2.49
C ILE A 323 -32.09 -44.56 1.74
N MET A 324 -32.92 -44.99 0.79
CA MET A 324 -33.74 -44.08 -0.03
C MET A 324 -34.54 -43.04 0.75
N ALA A 325 -35.09 -43.45 1.89
CA ALA A 325 -35.88 -42.54 2.72
C ALA A 325 -35.09 -41.30 3.19
N ASP A 326 -33.82 -41.50 3.57
CA ASP A 326 -33.01 -40.36 4.01
C ASP A 326 -32.51 -39.58 2.81
N GLN A 327 -32.30 -40.27 1.71
CA GLN A 327 -31.84 -39.63 0.49
C GLN A 327 -32.88 -38.62 0.00
N CYS A 328 -34.15 -38.99 0.03
CA CYS A 328 -35.20 -38.07 -0.41
C CYS A 328 -35.25 -36.82 0.47
N ILE A 329 -35.10 -37.04 1.78
CA ILE A 329 -35.11 -35.93 2.74
C ILE A 329 -33.89 -35.03 2.53
N ALA A 330 -32.75 -35.65 2.24
CA ALA A 330 -31.51 -34.90 2.02
C ALA A 330 -31.57 -34.06 0.75
N LEU A 331 -32.42 -34.46 -0.20
CA LEU A 331 -32.56 -33.74 -1.45
C LEU A 331 -33.72 -32.73 -1.45
N PHE A 332 -34.86 -33.14 -0.91
CA PHE A 332 -36.05 -32.28 -0.90
C PHE A 332 -36.52 -31.74 0.44
N GLY A 333 -35.78 -32.02 1.51
CA GLY A 333 -36.17 -31.53 2.83
C GLY A 333 -37.18 -32.43 3.54
N PRO A 334 -37.55 -32.08 4.78
CA PRO A 334 -38.52 -32.86 5.58
C PRO A 334 -39.85 -33.07 4.88
N GLY A 335 -40.45 -34.23 5.08
CA GLY A 335 -41.74 -34.53 4.47
C GLY A 335 -41.62 -35.36 3.20
N ALA A 336 -40.50 -35.21 2.50
CA ALA A 336 -40.28 -35.95 1.27
C ALA A 336 -40.20 -37.45 1.54
N THR A 337 -40.91 -38.23 0.75
CA THR A 337 -40.89 -39.69 0.89
C THR A 337 -40.54 -40.31 -0.46
N VAL A 338 -40.19 -41.59 -0.46
CA VAL A 338 -39.84 -42.25 -1.70
C VAL A 338 -41.08 -42.54 -2.53
N SER A 339 -40.99 -42.31 -3.83
CA SER A 339 -42.10 -42.55 -4.73
C SER A 339 -42.42 -44.03 -4.82
N GLN A 340 -43.61 -44.36 -5.29
CA GLN A 340 -44.03 -45.74 -5.47
C GLN A 340 -43.14 -46.41 -6.51
N ASP A 341 -43.06 -47.74 -6.48
CA ASP A 341 -42.24 -48.50 -7.42
C ASP A 341 -42.44 -48.11 -8.88
N ALA A 342 -43.69 -47.95 -9.29
CA ALA A 342 -44.01 -47.59 -10.66
C ALA A 342 -43.18 -46.44 -11.22
N CYS A 343 -42.85 -45.46 -10.37
CA CYS A 343 -42.07 -44.31 -10.82
C CYS A 343 -40.68 -44.67 -11.36
N PHE A 344 -39.98 -45.54 -10.65
CA PHE A 344 -38.65 -45.93 -11.06
C PHE A 344 -38.58 -46.52 -12.46
N GLN A 345 -39.73 -46.81 -13.05
CA GLN A 345 -39.77 -47.38 -14.39
C GLN A 345 -39.30 -46.35 -15.42
N PHE A 346 -39.29 -45.08 -15.03
CA PHE A 346 -38.84 -44.03 -15.94
C PHE A 346 -37.33 -44.13 -16.15
N ASN A 347 -36.66 -44.97 -15.35
CA ASN A 347 -35.22 -45.13 -15.51
C ASN A 347 -34.91 -46.07 -16.66
N ARG A 348 -35.92 -46.80 -17.13
CA ARG A 348 -35.72 -47.71 -18.25
C ARG A 348 -35.64 -46.85 -19.51
N GLU A 349 -36.13 -45.63 -19.39
CA GLU A 349 -36.13 -44.67 -20.49
C GLU A 349 -34.75 -44.64 -21.15
N GLY A 350 -33.74 -44.32 -20.35
CA GLY A 350 -32.40 -44.24 -20.87
C GLY A 350 -32.10 -42.84 -21.38
N ASN A 351 -33.07 -41.95 -21.24
CA ASN A 351 -32.91 -40.57 -21.69
C ASN A 351 -32.36 -39.65 -20.61
N HIS A 352 -32.52 -38.35 -20.83
CA HIS A 352 -32.01 -37.31 -19.95
C HIS A 352 -31.78 -37.61 -18.46
N TYR A 353 -32.86 -37.77 -17.69
CA TYR A 353 -32.73 -38.02 -16.25
C TYR A 353 -32.88 -39.48 -15.87
N GLY A 354 -33.68 -40.23 -16.62
CA GLY A 354 -33.90 -41.63 -16.32
C GLY A 354 -32.94 -42.60 -16.97
N TYR A 355 -32.02 -43.12 -16.16
CA TYR A 355 -31.02 -44.08 -16.62
C TYR A 355 -30.30 -44.67 -15.41
N CYS A 356 -29.42 -45.63 -15.63
CA CYS A 356 -28.71 -46.26 -14.51
C CYS A 356 -27.25 -45.85 -14.35
N ARG A 357 -26.60 -45.50 -15.46
CA ARG A 357 -25.21 -45.08 -15.40
C ARG A 357 -24.72 -44.57 -16.74
N LYS A 358 -23.52 -44.00 -16.74
CA LYS A 358 -22.89 -43.44 -17.93
C LYS A 358 -21.71 -44.33 -18.35
N GLU A 359 -21.58 -44.59 -19.64
CA GLU A 359 -20.48 -45.40 -20.14
C GLU A 359 -19.27 -44.47 -20.22
N GLN A 360 -19.51 -43.28 -20.76
CA GLN A 360 -18.50 -42.24 -20.91
C GLN A 360 -19.25 -40.92 -20.96
N ASN A 361 -19.90 -40.69 -22.09
CA ASN A 361 -20.69 -39.48 -22.32
C ASN A 361 -22.07 -39.95 -22.75
N THR A 362 -22.27 -41.27 -22.69
CA THR A 362 -23.54 -41.88 -23.06
C THR A 362 -24.21 -42.56 -21.87
N LYS A 363 -25.49 -42.27 -21.67
CA LYS A 363 -26.27 -42.83 -20.57
C LYS A 363 -26.90 -44.17 -20.89
N ILE A 364 -26.72 -45.12 -19.98
CA ILE A 364 -27.26 -46.46 -20.15
C ILE A 364 -28.53 -46.65 -19.32
N ALA A 365 -29.58 -47.16 -19.96
CA ALA A 365 -30.85 -47.39 -19.28
C ALA A 365 -30.77 -48.56 -18.32
N CYS A 366 -31.63 -48.55 -17.31
CA CYS A 366 -31.68 -49.63 -16.32
C CYS A 366 -32.45 -50.81 -16.89
N GLU A 367 -32.03 -52.02 -16.54
CA GLU A 367 -32.75 -53.21 -16.98
C GLU A 367 -33.83 -53.34 -15.91
N PRO A 368 -34.97 -53.94 -16.25
CA PRO A 368 -36.07 -54.11 -15.28
C PRO A 368 -35.62 -54.39 -13.85
N GLN A 369 -34.55 -55.16 -13.71
CA GLN A 369 -34.03 -55.54 -12.41
C GLN A 369 -33.24 -54.45 -11.66
N ASP A 370 -32.59 -53.55 -12.40
CA ASP A 370 -31.80 -52.48 -11.78
C ASP A 370 -32.56 -51.15 -11.82
N VAL A 371 -33.88 -51.23 -11.89
CA VAL A 371 -34.71 -50.04 -11.97
C VAL A 371 -34.56 -49.11 -10.77
N LYS A 372 -34.44 -49.67 -9.57
CA LYS A 372 -34.31 -48.87 -8.36
C LYS A 372 -32.89 -48.40 -8.02
N CYS A 373 -31.98 -48.49 -8.99
CA CYS A 373 -30.61 -48.08 -8.75
C CYS A 373 -30.14 -46.95 -9.66
N GLY A 374 -31.09 -46.24 -10.24
CA GLY A 374 -30.73 -45.12 -11.10
C GLY A 374 -31.18 -43.85 -10.41
N ARG A 375 -31.83 -42.95 -11.16
CA ARG A 375 -32.33 -41.71 -10.59
C ARG A 375 -33.33 -42.06 -9.48
N LEU A 376 -33.25 -41.33 -8.37
CA LEU A 376 -34.14 -41.54 -7.23
C LEU A 376 -35.43 -40.73 -7.41
N TYR A 377 -36.58 -41.33 -7.10
CA TYR A 377 -37.86 -40.65 -7.25
C TYR A 377 -38.49 -40.40 -5.89
N CYS A 378 -38.91 -39.16 -5.67
CA CYS A 378 -39.52 -38.76 -4.39
C CYS A 378 -40.73 -37.88 -4.67
N PHE A 379 -41.41 -37.49 -3.59
CA PHE A 379 -42.57 -36.60 -3.70
C PHE A 379 -42.82 -35.95 -2.35
N PRO A 380 -43.27 -34.68 -2.36
CA PRO A 380 -43.55 -33.92 -1.14
C PRO A 380 -44.86 -34.33 -0.47
N ASN A 381 -44.94 -34.18 0.84
CA ASN A 381 -46.13 -34.55 1.62
C ASN A 381 -47.27 -33.53 1.51
N SER A 382 -47.02 -32.43 0.83
CA SER A 382 -48.03 -31.37 0.67
C SER A 382 -49.36 -31.84 0.09
N PRO A 383 -50.46 -31.59 0.80
CA PRO A 383 -51.80 -31.98 0.35
C PRO A 383 -52.11 -31.44 -1.04
N GLU A 384 -51.37 -30.40 -1.45
CA GLU A 384 -51.58 -29.78 -2.75
C GLU A 384 -50.73 -30.40 -3.86
N ASN A 385 -49.83 -31.30 -3.49
CA ASN A 385 -48.98 -31.98 -4.47
C ASN A 385 -49.83 -32.89 -5.36
N LYS A 386 -49.66 -32.75 -6.67
CA LYS A 386 -50.43 -33.55 -7.62
C LYS A 386 -49.56 -34.55 -8.37
N ASN A 387 -48.26 -34.47 -8.22
CA ASN A 387 -47.36 -35.39 -8.92
C ASN A 387 -46.71 -36.42 -8.01
N PRO A 388 -46.82 -37.71 -8.37
CA PRO A 388 -46.26 -38.83 -7.61
C PRO A 388 -44.77 -39.08 -7.85
N CYS A 389 -44.24 -38.63 -8.99
CA CYS A 389 -42.82 -38.82 -9.31
C CYS A 389 -42.05 -37.51 -9.51
N ASN A 390 -41.08 -37.25 -8.64
CA ASN A 390 -40.28 -36.03 -8.75
C ASN A 390 -38.81 -36.39 -8.61
N ILE A 391 -37.93 -35.68 -9.31
CA ILE A 391 -36.51 -35.96 -9.23
C ILE A 391 -35.65 -34.71 -9.07
N TYR A 392 -34.44 -34.90 -8.56
CA TYR A 392 -33.49 -33.82 -8.34
C TYR A 392 -32.46 -33.93 -9.47
N TYR A 393 -32.29 -32.85 -10.23
CA TYR A 393 -31.34 -32.85 -11.33
C TYR A 393 -30.44 -31.61 -11.33
N SER A 394 -29.16 -31.83 -11.60
CA SER A 394 -28.21 -30.73 -11.66
C SER A 394 -27.43 -30.80 -12.97
N PRO A 395 -27.68 -29.86 -13.88
CA PRO A 395 -26.94 -29.91 -15.15
C PRO A 395 -25.44 -29.78 -14.91
N ASN A 396 -25.08 -29.38 -13.69
CA ASN A 396 -23.68 -29.24 -13.29
C ASN A 396 -23.04 -30.62 -13.09
N ASP A 397 -23.73 -31.48 -12.34
CA ASP A 397 -23.28 -32.84 -12.04
C ASP A 397 -24.51 -33.76 -12.14
N GLU A 398 -24.66 -34.43 -13.27
CA GLU A 398 -25.80 -35.31 -13.49
C GLU A 398 -25.93 -36.47 -12.52
N ASP A 399 -24.86 -36.77 -11.79
CA ASP A 399 -24.87 -37.87 -10.84
C ASP A 399 -25.62 -37.47 -9.57
N LYS A 400 -25.68 -36.17 -9.33
CA LYS A 400 -26.37 -35.65 -8.16
C LYS A 400 -27.85 -35.97 -8.35
N GLY A 401 -28.45 -36.63 -7.36
CA GLY A 401 -29.85 -36.99 -7.46
C GLY A 401 -30.07 -38.46 -7.77
N MET A 402 -28.99 -39.18 -8.07
CA MET A 402 -29.07 -40.61 -8.36
C MET A 402 -28.97 -41.40 -7.05
N VAL A 403 -29.57 -42.58 -7.02
CA VAL A 403 -29.52 -43.43 -5.83
C VAL A 403 -28.07 -43.65 -5.41
N LEU A 404 -27.78 -43.41 -4.13
CA LEU A 404 -26.42 -43.56 -3.61
C LEU A 404 -25.90 -45.00 -3.68
N PRO A 405 -24.57 -45.16 -3.79
CA PRO A 405 -23.99 -46.50 -3.87
C PRO A 405 -24.24 -47.23 -2.55
N GLY A 406 -24.39 -48.55 -2.63
CA GLY A 406 -24.64 -49.32 -1.42
C GLY A 406 -26.05 -49.20 -0.87
N THR A 407 -26.89 -48.40 -1.52
CA THR A 407 -28.26 -48.26 -1.06
C THR A 407 -29.04 -49.56 -1.25
N LYS A 408 -29.82 -49.93 -0.24
CA LYS A 408 -30.62 -51.15 -0.31
C LYS A 408 -31.70 -51.01 -1.38
N CYS A 409 -31.64 -51.87 -2.40
CA CYS A 409 -32.60 -51.87 -3.50
C CYS A 409 -33.57 -53.05 -3.47
N ALA A 410 -33.25 -54.07 -2.68
CA ALA A 410 -34.09 -55.25 -2.57
C ALA A 410 -33.84 -56.01 -1.29
N ASP A 411 -34.73 -56.96 -0.98
CA ASP A 411 -34.65 -57.78 0.23
C ASP A 411 -33.23 -57.95 0.78
N ARG A 412 -32.29 -58.36 -0.07
CA ARG A 412 -30.92 -58.55 0.38
C ARG A 412 -29.94 -58.14 -0.71
N LYS A 413 -30.22 -57.00 -1.34
CA LYS A 413 -29.37 -56.48 -2.40
C LYS A 413 -29.16 -54.97 -2.26
N ALA A 414 -28.09 -54.46 -2.87
CA ALA A 414 -27.79 -53.03 -2.81
C ALA A 414 -27.21 -52.57 -4.14
N CYS A 415 -27.37 -51.28 -4.42
CA CYS A 415 -26.88 -50.72 -5.67
C CYS A 415 -25.37 -50.69 -5.81
N SER A 416 -24.87 -51.14 -6.96
CA SER A 416 -23.44 -51.18 -7.22
C SER A 416 -23.09 -50.12 -8.27
N ASN A 417 -23.09 -50.51 -9.54
CA ASN A 417 -22.80 -49.58 -10.61
C ASN A 417 -24.04 -49.45 -11.45
N GLY A 418 -25.10 -48.94 -10.84
CA GLY A 418 -26.37 -48.79 -11.54
C GLY A 418 -27.00 -50.16 -11.68
N GLN A 419 -26.66 -51.05 -10.76
CA GLN A 419 -27.19 -52.41 -10.76
C GLN A 419 -27.49 -52.88 -9.34
N CYS A 420 -28.61 -53.57 -9.18
CA CYS A 420 -29.01 -54.08 -7.88
C CYS A 420 -28.42 -55.47 -7.71
N VAL A 421 -27.29 -55.55 -7.01
CA VAL A 421 -26.59 -56.81 -6.78
C VAL A 421 -26.79 -57.36 -5.37
N ASP A 422 -26.56 -58.66 -5.21
CA ASP A 422 -26.71 -59.32 -3.92
C ASP A 422 -25.69 -58.80 -2.91
N VAL A 423 -26.13 -58.64 -1.67
CA VAL A 423 -25.27 -58.14 -0.61
C VAL A 423 -24.43 -59.29 -0.03
N THR A 424 -24.62 -60.49 -0.57
CA THR A 424 -23.90 -61.67 -0.12
C THR A 424 -22.56 -61.80 -0.85
N THR A 425 -22.23 -60.79 -1.65
CA THR A 425 -20.99 -60.76 -2.41
C THR A 425 -20.14 -59.61 -1.87
N PRO A 426 -18.84 -59.84 -1.67
CA PRO A 426 -17.97 -58.78 -1.15
C PRO A 426 -18.02 -57.51 -2.01
N TYR A 427 -18.32 -56.39 -1.35
CA TYR A 427 -18.40 -55.10 -2.02
C TYR A 427 -18.08 -53.96 -1.05
N SER B 2 24.56 40.43 14.63
CA SER B 2 25.72 40.09 15.50
C SER B 2 26.57 38.98 14.90
N ASN B 3 26.10 37.75 15.00
CA ASN B 3 26.81 36.61 14.45
C ASN B 3 26.44 36.44 12.98
N LEU B 4 25.23 36.87 12.64
CA LEU B 4 24.73 36.78 11.28
C LEU B 4 24.80 38.14 10.59
N THR B 5 25.10 38.13 9.29
CA THR B 5 25.17 39.37 8.54
C THR B 5 23.76 39.92 8.34
N PRO B 6 23.64 41.22 8.07
CA PRO B 6 22.32 41.83 7.87
C PRO B 6 21.57 41.12 6.74
N GLU B 7 22.33 40.43 5.89
CA GLU B 7 21.75 39.69 4.78
C GLU B 7 21.11 38.41 5.29
N GLN B 8 21.87 37.64 6.07
CA GLN B 8 21.37 36.39 6.64
C GLN B 8 20.18 36.67 7.55
N GLN B 9 20.36 37.61 8.46
CA GLN B 9 19.31 37.98 9.39
C GLN B 9 18.03 38.31 8.63
N ARG B 10 18.16 39.13 7.59
CA ARG B 10 17.03 39.54 6.77
C ARG B 10 16.37 38.34 6.06
N TYR B 11 17.20 37.41 5.60
CA TYR B 11 16.71 36.22 4.91
C TYR B 11 15.89 35.34 5.86
N LEU B 12 16.37 35.16 7.08
CA LEU B 12 15.69 34.33 8.06
C LEU B 12 14.32 34.88 8.46
N ASN B 13 14.20 36.20 8.55
CA ASN B 13 12.95 36.83 8.93
C ASN B 13 11.94 36.87 7.80
N ALA B 14 12.38 36.55 6.60
CA ALA B 14 11.48 36.56 5.45
C ALA B 14 10.56 35.36 5.55
N LYS B 15 9.36 35.51 5.02
CA LYS B 15 8.40 34.41 5.03
C LYS B 15 8.84 33.43 3.95
N LYS B 16 8.80 32.13 4.27
CA LYS B 16 9.21 31.11 3.31
C LYS B 16 8.03 30.44 2.63
N TYR B 17 8.24 30.03 1.38
CA TYR B 17 7.20 29.35 0.62
C TYR B 17 7.78 28.21 -0.22
N VAL B 18 7.24 27.02 -0.06
CA VAL B 18 7.70 25.90 -0.86
C VAL B 18 6.64 25.65 -1.94
N LYS B 19 6.95 26.07 -3.16
CA LYS B 19 6.03 25.88 -4.27
C LYS B 19 6.21 24.44 -4.75
N LEU B 20 5.32 23.58 -4.26
CA LEU B 20 5.33 22.15 -4.53
C LEU B 20 4.60 21.68 -5.78
N PHE B 21 5.21 20.72 -6.45
CA PHE B 21 4.63 20.12 -7.64
C PHE B 21 4.55 18.62 -7.30
N LEU B 22 3.34 18.06 -7.35
CA LEU B 22 3.15 16.65 -7.04
C LEU B 22 2.85 15.78 -8.25
N VAL B 23 3.43 14.58 -8.26
CA VAL B 23 3.22 13.62 -9.34
C VAL B 23 2.75 12.28 -8.79
N ALA B 24 1.71 11.71 -9.40
CA ALA B 24 1.18 10.41 -9.01
C ALA B 24 1.52 9.48 -10.17
N ASP B 25 2.03 8.30 -9.87
CA ASP B 25 2.43 7.38 -10.94
C ASP B 25 1.31 6.50 -11.48
N TYR B 26 1.65 5.69 -12.49
CA TYR B 26 0.68 4.82 -13.13
C TYR B 26 -0.03 3.91 -12.14
N ILE B 27 0.73 3.31 -11.22
CA ILE B 27 0.14 2.42 -10.22
C ILE B 27 -0.87 3.17 -9.33
N MET B 28 -0.61 4.45 -9.06
CA MET B 28 -1.53 5.25 -8.25
C MET B 28 -2.87 5.34 -8.96
N TYR B 29 -2.82 5.56 -10.27
CA TYR B 29 -4.01 5.68 -11.10
C TYR B 29 -4.83 4.39 -11.09
N LEU B 30 -4.17 3.24 -11.22
CA LEU B 30 -4.86 1.96 -11.20
C LEU B 30 -5.41 1.70 -9.79
N LYS B 31 -4.54 1.85 -8.80
CA LYS B 31 -4.88 1.64 -7.41
C LYS B 31 -6.18 2.33 -7.02
N TYR B 32 -6.42 3.53 -7.53
CA TYR B 32 -7.64 4.23 -7.19
C TYR B 32 -8.76 4.10 -8.23
N GLY B 33 -8.78 2.95 -8.89
CA GLY B 33 -9.82 2.65 -9.87
C GLY B 33 -9.86 3.42 -11.16
N ARG B 34 -8.71 3.90 -11.63
CA ARG B 34 -8.65 4.67 -12.87
C ARG B 34 -9.59 5.87 -12.76
N ASN B 35 -9.62 6.46 -11.57
CA ASN B 35 -10.49 7.59 -11.27
C ASN B 35 -9.64 8.82 -10.95
N LEU B 36 -9.27 9.59 -11.98
CA LEU B 36 -8.47 10.78 -11.79
C LEU B 36 -9.02 11.64 -10.67
N THR B 37 -10.33 11.67 -10.53
CA THR B 37 -10.96 12.46 -9.49
C THR B 37 -10.56 11.96 -8.10
N ALA B 38 -10.44 10.64 -7.97
CA ALA B 38 -10.06 10.02 -6.70
C ALA B 38 -8.58 10.23 -6.41
N VAL B 39 -7.73 10.05 -7.42
CA VAL B 39 -6.29 10.25 -7.24
C VAL B 39 -6.04 11.70 -6.84
N ARG B 40 -6.62 12.62 -7.59
CA ARG B 40 -6.47 14.05 -7.33
C ARG B 40 -6.90 14.39 -5.91
N THR B 41 -8.06 13.87 -5.50
CA THR B 41 -8.57 14.12 -4.16
C THR B 41 -7.61 13.61 -3.10
N ARG B 42 -7.10 12.41 -3.28
CA ARG B 42 -6.15 11.81 -2.35
C ARG B 42 -4.98 12.78 -2.17
N MET B 43 -4.47 13.31 -3.29
CA MET B 43 -3.36 14.25 -3.24
C MET B 43 -3.66 15.55 -2.50
N TYR B 44 -4.88 16.06 -2.67
CA TYR B 44 -5.28 17.28 -2.00
C TYR B 44 -5.28 17.03 -0.50
N ASP B 45 -5.93 15.95 -0.07
CA ASP B 45 -5.99 15.63 1.34
C ASP B 45 -4.59 15.56 1.94
N ILE B 46 -3.66 14.99 1.19
CA ILE B 46 -2.28 14.88 1.65
C ILE B 46 -1.65 16.26 1.83
N VAL B 47 -1.89 17.17 0.88
CA VAL B 47 -1.32 18.51 1.01
C VAL B 47 -2.01 19.25 2.14
N ASN B 48 -3.29 18.95 2.37
CA ASN B 48 -4.04 19.60 3.45
C ASN B 48 -3.47 19.24 4.82
N VAL B 49 -2.66 18.19 4.87
CA VAL B 49 -2.05 17.75 6.13
C VAL B 49 -0.61 18.27 6.20
N ILE B 50 0.07 18.29 5.07
CA ILE B 50 1.44 18.77 5.02
C ILE B 50 1.54 20.26 5.35
N THR B 51 0.62 21.04 4.81
CA THR B 51 0.60 22.48 5.01
C THR B 51 0.62 22.92 6.48
N PRO B 52 -0.31 22.43 7.31
CA PRO B 52 -0.22 22.88 8.71
C PRO B 52 1.04 22.38 9.40
N ILE B 53 1.56 21.23 8.96
CA ILE B 53 2.78 20.69 9.56
C ILE B 53 3.94 21.65 9.33
N TYR B 54 4.03 22.21 8.13
CA TYR B 54 5.11 23.12 7.80
C TYR B 54 4.91 24.55 8.24
N HIS B 55 3.68 24.89 8.63
CA HIS B 55 3.44 26.25 9.08
C HIS B 55 4.21 26.47 10.39
N ARG B 56 4.46 25.39 11.12
CA ARG B 56 5.19 25.49 12.38
C ARG B 56 6.69 25.67 12.15
N MET B 57 7.09 25.72 10.88
CA MET B 57 8.48 25.92 10.51
C MET B 57 8.57 27.19 9.68
N ASN B 58 7.53 28.02 9.78
CA ASN B 58 7.49 29.28 9.05
C ASN B 58 7.61 29.10 7.54
N ILE B 59 7.04 28.03 7.03
CA ILE B 59 7.08 27.75 5.61
C ILE B 59 5.68 27.40 5.15
N HIS B 60 5.24 28.01 4.06
CA HIS B 60 3.93 27.69 3.54
C HIS B 60 4.09 26.84 2.30
N VAL B 61 3.60 25.61 2.37
CA VAL B 61 3.65 24.69 1.24
C VAL B 61 2.46 24.97 0.33
N ALA B 62 2.72 25.24 -0.94
CA ALA B 62 1.66 25.56 -1.88
C ALA B 62 1.76 24.68 -3.13
N LEU B 63 0.70 23.91 -3.37
CA LEU B 63 0.65 23.04 -4.52
C LEU B 63 0.50 23.92 -5.76
N VAL B 64 1.58 24.10 -6.51
CA VAL B 64 1.51 24.94 -7.71
C VAL B 64 1.40 24.13 -8.99
N GLY B 65 1.40 22.80 -8.85
CA GLY B 65 1.29 21.94 -10.00
C GLY B 65 0.99 20.51 -9.63
N LEU B 66 0.26 19.82 -10.50
CA LEU B 66 -0.10 18.43 -10.26
C LEU B 66 -0.17 17.62 -11.55
N GLU B 67 0.45 16.44 -11.53
CA GLU B 67 0.46 15.59 -12.70
C GLU B 67 0.18 14.13 -12.34
N ILE B 68 -0.66 13.47 -13.12
CA ILE B 68 -0.99 12.07 -12.87
C ILE B 68 -0.64 11.28 -14.12
N TRP B 69 0.32 10.36 -14.01
CA TRP B 69 0.73 9.58 -15.16
C TRP B 69 -0.24 8.45 -15.47
N SER B 70 -1.49 8.83 -15.71
CA SER B 70 -2.56 7.87 -16.01
C SER B 70 -2.37 7.15 -17.33
N ASN B 71 -1.62 7.75 -18.25
CA ASN B 71 -1.41 7.09 -19.53
C ASN B 71 -0.24 6.12 -19.50
N THR B 72 0.77 6.42 -18.69
CA THR B 72 1.95 5.57 -18.59
C THR B 72 3.04 6.40 -17.88
N ASP B 73 3.94 5.73 -17.15
CA ASP B 73 4.99 6.46 -16.43
C ASP B 73 5.98 7.17 -17.36
N LYS B 74 6.53 8.28 -16.88
CA LYS B 74 7.49 9.08 -17.64
C LYS B 74 8.93 8.77 -17.22
N ILE B 75 9.07 7.90 -16.22
CA ILE B 75 10.38 7.46 -15.74
C ILE B 75 10.19 5.99 -15.38
N ILE B 76 11.30 5.27 -15.22
CA ILE B 76 11.17 3.87 -14.87
C ILE B 76 11.01 3.72 -13.36
N VAL B 77 9.77 3.84 -12.89
CA VAL B 77 9.45 3.67 -11.47
C VAL B 77 9.74 2.21 -11.16
N GLN B 78 10.53 1.95 -10.12
CA GLN B 78 10.89 0.58 -9.78
C GLN B 78 11.14 0.33 -8.30
N SER B 79 11.20 -0.94 -7.93
CA SER B 79 11.38 -1.39 -6.56
C SER B 79 12.53 -0.73 -5.80
N SER B 80 13.58 -0.34 -6.51
CA SER B 80 14.72 0.32 -5.89
C SER B 80 14.42 1.80 -5.71
N ALA B 81 14.32 2.24 -4.46
CA ALA B 81 14.02 3.64 -4.19
C ALA B 81 15.15 4.54 -4.71
N ASP B 82 16.39 4.08 -4.57
CA ASP B 82 17.55 4.83 -5.00
C ASP B 82 17.52 5.15 -6.50
N VAL B 83 17.27 4.13 -7.32
CA VAL B 83 17.21 4.31 -8.77
C VAL B 83 16.03 5.19 -9.18
N THR B 84 14.89 4.98 -8.53
CA THR B 84 13.70 5.76 -8.84
C THR B 84 13.90 7.24 -8.55
N LEU B 85 14.51 7.55 -7.40
CA LEU B 85 14.77 8.94 -7.03
C LEU B 85 15.66 9.59 -8.09
N ASP B 86 16.75 8.91 -8.41
CA ASP B 86 17.68 9.39 -9.42
C ASP B 86 16.95 9.69 -10.74
N LEU B 87 16.15 8.75 -11.22
CA LEU B 87 15.41 8.93 -12.46
C LEU B 87 14.39 10.06 -12.35
N PHE B 88 13.69 10.14 -11.22
CA PHE B 88 12.71 11.20 -11.04
C PHE B 88 13.34 12.59 -11.04
N ALA B 89 14.45 12.75 -10.32
CA ALA B 89 15.13 14.03 -10.26
C ALA B 89 15.60 14.44 -11.66
N LYS B 90 16.21 13.50 -12.37
CA LYS B 90 16.70 13.75 -13.73
C LYS B 90 15.57 14.21 -14.63
N TRP B 91 14.44 13.51 -14.57
CA TRP B 91 13.27 13.85 -15.38
C TRP B 91 12.75 15.23 -14.98
N ARG B 92 12.86 15.55 -13.70
CA ARG B 92 12.41 16.85 -13.22
C ARG B 92 13.27 17.97 -13.83
N ALA B 93 14.56 17.69 -13.99
CA ALA B 93 15.48 18.68 -14.53
C ALA B 93 15.38 18.92 -16.04
N THR B 94 15.22 17.85 -16.81
CA THR B 94 15.16 18.01 -18.26
C THR B 94 13.76 18.14 -18.85
N ASP B 95 12.73 17.72 -18.11
CA ASP B 95 11.37 17.78 -18.63
C ASP B 95 10.43 18.72 -17.89
N LEU B 96 10.19 18.47 -16.61
CA LEU B 96 9.26 19.29 -15.84
C LEU B 96 9.67 20.75 -15.64
N LEU B 97 10.90 20.98 -15.17
CA LEU B 97 11.37 22.33 -14.94
C LEU B 97 11.42 23.18 -16.22
N SER B 98 11.20 22.55 -17.37
CA SER B 98 11.23 23.29 -18.62
C SER B 98 9.85 23.82 -19.01
N ARG B 99 8.82 23.36 -18.32
CA ARG B 99 7.45 23.78 -18.62
C ARG B 99 6.64 24.23 -17.41
N LYS B 100 7.24 24.14 -16.23
CA LYS B 100 6.54 24.53 -15.01
C LYS B 100 7.52 24.85 -13.90
N SER B 101 7.60 26.13 -13.52
CA SER B 101 8.50 26.54 -12.47
C SER B 101 7.94 26.09 -11.12
N HIS B 102 8.81 25.56 -10.28
CA HIS B 102 8.42 25.09 -8.96
C HIS B 102 9.70 24.85 -8.17
N ASP B 103 9.61 24.94 -6.86
CA ASP B 103 10.77 24.79 -5.98
C ASP B 103 11.09 23.35 -5.60
N ASN B 104 10.08 22.48 -5.63
CA ASN B 104 10.29 21.12 -5.21
C ASN B 104 9.23 20.18 -5.78
N ALA B 105 9.64 18.96 -6.10
CA ALA B 105 8.72 17.98 -6.65
C ALA B 105 8.80 16.69 -5.85
N GLN B 106 7.64 16.08 -5.61
CA GLN B 106 7.59 14.82 -4.87
C GLN B 106 6.78 13.86 -5.70
N LEU B 107 7.27 12.62 -5.78
CA LEU B 107 6.60 11.56 -6.53
C LEU B 107 5.85 10.64 -5.59
N LEU B 108 4.54 10.55 -5.77
CA LEU B 108 3.73 9.66 -4.96
C LEU B 108 3.45 8.43 -5.83
N THR B 109 4.09 7.32 -5.48
CA THR B 109 3.93 6.08 -6.24
C THR B 109 3.25 4.98 -5.45
N GLY B 110 2.56 4.10 -6.16
CA GLY B 110 1.85 2.99 -5.55
C GLY B 110 2.71 1.72 -5.46
N ILE B 111 3.90 1.77 -6.02
CA ILE B 111 4.80 0.62 -5.98
C ILE B 111 5.32 0.40 -4.56
N ASN B 112 5.95 -0.74 -4.32
CA ASN B 112 6.52 -1.06 -3.02
C ASN B 112 8.02 -1.04 -3.15
N PHE B 113 8.67 -0.18 -2.37
CA PHE B 113 10.13 -0.11 -2.43
C PHE B 113 10.75 -1.24 -1.64
N ASN B 114 11.86 -1.77 -2.15
CA ASN B 114 12.57 -2.84 -1.46
C ASN B 114 12.99 -2.27 -0.10
N GLY B 115 12.99 -3.11 0.92
CA GLY B 115 13.37 -2.65 2.24
C GLY B 115 12.17 -2.01 2.93
N PRO B 116 12.30 -1.65 4.21
CA PRO B 116 11.24 -1.03 4.99
C PRO B 116 11.00 0.47 4.75
N THR B 117 11.91 1.12 4.03
CA THR B 117 11.75 2.54 3.75
C THR B 117 10.53 2.80 2.86
N ALA B 118 9.87 3.93 3.08
CA ALA B 118 8.69 4.30 2.31
C ALA B 118 8.92 5.60 1.54
N GLY B 119 10.19 5.97 1.36
CA GLY B 119 10.50 7.18 0.64
C GLY B 119 11.98 7.46 0.59
N LEU B 120 12.37 8.46 -0.21
CA LEU B 120 13.76 8.83 -0.33
C LEU B 120 13.82 10.26 -0.87
N GLY B 121 14.81 11.01 -0.41
CA GLY B 121 14.97 12.38 -0.87
C GLY B 121 16.39 12.88 -0.73
N TYR B 122 16.82 13.75 -1.62
CA TYR B 122 18.17 14.30 -1.54
C TYR B 122 18.25 15.23 -0.33
N LEU B 123 19.29 15.05 0.48
CA LEU B 123 19.50 15.86 1.68
C LEU B 123 19.95 17.26 1.31
N GLY B 124 19.15 18.26 1.65
CA GLY B 124 19.50 19.63 1.34
C GLY B 124 19.39 20.00 -0.13
N GLY B 125 18.51 19.33 -0.87
CA GLY B 125 18.39 19.65 -2.29
C GLY B 125 17.40 20.76 -2.59
N ILE B 126 16.79 21.33 -1.56
CA ILE B 126 15.79 22.37 -1.77
C ILE B 126 16.23 23.46 -2.75
N CYS B 127 15.37 23.72 -3.73
CA CYS B 127 15.60 24.71 -4.78
C CYS B 127 16.59 24.26 -5.85
N ASN B 128 17.44 23.30 -5.53
CA ASN B 128 18.41 22.86 -6.51
C ASN B 128 17.75 22.29 -7.76
N THR B 129 18.26 22.70 -8.91
CA THR B 129 17.74 22.28 -10.20
C THR B 129 17.81 20.78 -10.47
N MET B 130 18.65 20.07 -9.72
CA MET B 130 18.76 18.64 -9.94
C MET B 130 18.54 17.79 -8.72
N TYR B 131 18.34 18.41 -7.56
CA TYR B 131 18.16 17.64 -6.33
C TYR B 131 16.98 17.97 -5.45
N SER B 132 16.19 18.98 -5.83
CA SER B 132 15.03 19.32 -5.01
C SER B 132 13.91 18.33 -5.32
N ALA B 133 14.10 17.10 -4.87
CA ALA B 133 13.11 16.07 -5.13
C ALA B 133 13.03 14.98 -4.07
N GLY B 134 11.87 14.33 -4.01
CA GLY B 134 11.65 13.25 -3.08
C GLY B 134 10.60 12.32 -3.65
N ILE B 135 10.65 11.06 -3.26
CA ILE B 135 9.67 10.08 -3.72
C ILE B 135 9.06 9.49 -2.46
N VAL B 136 7.78 9.17 -2.52
CA VAL B 136 7.07 8.63 -1.38
C VAL B 136 6.21 7.48 -1.84
N GLN B 137 6.15 6.44 -1.01
CA GLN B 137 5.31 5.30 -1.30
C GLN B 137 3.95 5.57 -0.65
N ASP B 138 2.88 5.24 -1.35
CA ASP B 138 1.54 5.41 -0.81
C ASP B 138 1.36 4.16 0.08
N HIS B 139 2.23 4.06 1.09
CA HIS B 139 2.32 2.92 2.00
C HIS B 139 1.19 2.57 2.95
N SER B 140 0.26 3.48 3.18
CA SER B 140 -0.85 3.20 4.09
C SER B 140 -2.15 3.74 3.55
N LYS B 141 -3.25 3.12 3.95
CA LYS B 141 -4.56 3.57 3.52
C LYS B 141 -4.88 4.91 4.17
N ILE B 142 -4.34 5.13 5.37
CA ILE B 142 -4.54 6.37 6.14
C ILE B 142 -3.71 7.49 5.49
N HIS B 143 -4.38 8.42 4.81
CA HIS B 143 -3.65 9.48 4.11
C HIS B 143 -2.79 10.43 4.96
N HIS B 144 -3.15 10.64 6.22
CA HIS B 144 -2.33 11.55 7.04
C HIS B 144 -0.96 10.91 7.35
N LEU B 145 -0.87 9.59 7.23
CA LEU B 145 0.40 8.89 7.46
C LEU B 145 1.26 8.96 6.21
N VAL B 146 0.63 9.12 5.05
CA VAL B 146 1.38 9.22 3.80
C VAL B 146 1.90 10.65 3.74
N ALA B 147 1.10 11.57 4.25
CA ALA B 147 1.49 12.96 4.27
C ALA B 147 2.75 13.11 5.14
N ILE B 148 2.73 12.48 6.31
CA ILE B 148 3.89 12.56 7.20
C ILE B 148 5.12 12.02 6.48
N ALA B 149 4.96 10.89 5.78
CA ALA B 149 6.08 10.32 5.06
C ALA B 149 6.57 11.32 4.02
N MET B 150 5.65 12.00 3.34
CA MET B 150 6.04 12.97 2.34
C MET B 150 6.72 14.16 3.00
N ALA B 151 6.22 14.57 4.16
CA ALA B 151 6.79 15.69 4.90
C ALA B 151 8.21 15.36 5.35
N HIS B 152 8.42 14.08 5.67
CA HIS B 152 9.73 13.58 6.10
C HIS B 152 10.74 13.77 4.97
N GLU B 153 10.38 13.41 3.74
CA GLU B 153 11.29 13.56 2.61
C GLU B 153 11.56 15.02 2.32
N MET B 154 10.52 15.85 2.39
CA MET B 154 10.67 17.28 2.18
C MET B 154 11.56 17.77 3.31
N GLY B 155 11.49 17.06 4.43
CA GLY B 155 12.30 17.40 5.58
C GLY B 155 13.76 17.31 5.19
N HIS B 156 14.15 16.17 4.61
CA HIS B 156 15.53 15.98 4.18
C HIS B 156 15.88 17.05 3.15
N ASN B 157 15.00 17.25 2.17
CA ASN B 157 15.21 18.26 1.13
C ASN B 157 15.56 19.60 1.76
N LEU B 158 14.96 19.87 2.92
CA LEU B 158 15.18 21.13 3.62
C LEU B 158 16.34 21.09 4.61
N GLY B 159 17.23 20.11 4.44
CA GLY B 159 18.41 20.01 5.28
C GLY B 159 18.32 19.29 6.61
N MET B 160 17.20 18.66 6.89
CA MET B 160 17.04 17.95 8.16
C MET B 160 17.47 16.49 8.13
N ASP B 161 18.06 16.04 9.23
CA ASP B 161 18.52 14.65 9.38
C ASP B 161 17.47 13.93 10.20
N HIS B 162 17.71 12.64 10.45
CA HIS B 162 16.79 11.85 11.25
C HIS B 162 16.99 12.17 12.73
N ASP B 163 15.91 12.13 13.50
CA ASP B 163 16.02 12.39 14.92
C ASP B 163 16.84 11.27 15.53
N LYS B 164 17.73 11.63 16.44
CA LYS B 164 18.58 10.66 17.10
C LYS B 164 18.14 10.54 18.56
N ASP B 165 18.28 9.35 19.11
CA ASP B 165 17.94 9.01 20.48
C ASP B 165 17.48 10.11 21.46
N THR B 166 18.19 11.24 21.48
CA THR B 166 17.86 12.33 22.41
C THR B 166 17.00 13.50 21.89
N CYS B 167 16.62 13.48 20.61
CA CYS B 167 15.79 14.57 20.07
C CYS B 167 14.34 14.36 20.48
N THR B 168 13.61 15.45 20.70
CA THR B 168 12.21 15.33 21.12
C THR B 168 11.30 16.45 20.59
N CYS B 169 10.01 16.16 20.59
CA CYS B 169 8.98 17.11 20.15
C CYS B 169 7.76 16.84 21.02
N GLY B 170 7.90 15.85 21.90
CA GLY B 170 6.82 15.48 22.80
C GLY B 170 6.87 14.01 23.18
N THR B 171 5.72 13.46 23.56
CA THR B 171 5.65 12.06 23.96
C THR B 171 5.55 11.11 22.78
N ARG B 172 5.33 11.66 21.58
CA ARG B 172 5.21 10.86 20.37
C ARG B 172 6.34 11.14 19.37
N PRO B 173 6.57 10.23 18.41
CA PRO B 173 7.63 10.38 17.40
C PRO B 173 7.43 11.63 16.55
N CYS B 174 8.52 12.20 16.05
CA CYS B 174 8.43 13.41 15.24
C CYS B 174 8.61 13.10 13.75
N VAL B 175 8.20 14.04 12.91
CA VAL B 175 8.28 13.89 11.48
C VAL B 175 9.61 13.30 11.02
N MET B 176 10.72 13.80 11.56
CA MET B 176 12.01 13.29 11.14
C MET B 176 12.49 12.04 11.85
N ALA B 177 11.54 11.25 12.38
CA ALA B 177 11.92 10.01 13.04
C ALA B 177 12.49 9.14 11.92
N GLY B 178 13.47 8.31 12.26
CA GLY B 178 14.10 7.45 11.26
C GLY B 178 13.26 6.35 10.64
N ALA B 179 12.26 5.85 11.36
CA ALA B 179 11.43 4.77 10.82
C ALA B 179 9.93 5.04 10.95
N LEU B 180 9.13 4.18 10.32
CA LEU B 180 7.67 4.30 10.32
C LEU B 180 6.98 3.92 11.63
N SER B 181 5.70 4.26 11.70
CA SER B 181 4.85 3.98 12.86
C SER B 181 3.60 4.83 12.70
N CYS B 182 2.45 4.36 13.20
CA CYS B 182 1.24 5.15 13.06
C CYS B 182 1.07 6.09 14.26
N GLU B 183 2.05 6.05 15.16
CA GLU B 183 2.02 6.92 16.34
C GLU B 183 2.61 8.26 15.89
N ALA B 184 3.15 8.26 14.68
CA ALA B 184 3.75 9.44 14.09
C ALA B 184 2.91 10.69 14.33
N SER B 185 3.55 11.75 14.81
CA SER B 185 2.87 13.01 15.07
C SER B 185 3.10 13.93 13.88
N PHE B 186 2.69 15.20 14.01
CA PHE B 186 2.85 16.15 12.94
C PHE B 186 3.87 17.22 13.32
N LEU B 187 4.57 17.01 14.42
CA LEU B 187 5.54 17.98 14.90
C LEU B 187 6.99 17.63 14.60
N PHE B 188 7.80 18.68 14.45
CA PHE B 188 9.23 18.52 14.20
C PHE B 188 9.96 18.60 15.54
N SER B 189 10.98 17.77 15.71
CA SER B 189 11.76 17.75 16.93
C SER B 189 12.63 19.00 16.99
N ASP B 190 13.14 19.30 18.18
CA ASP B 190 14.01 20.45 18.40
C ASP B 190 15.24 20.39 17.51
N CYS B 191 15.78 19.18 17.33
CA CYS B 191 16.97 18.98 16.49
C CYS B 191 16.72 19.41 15.05
N SER B 192 15.57 19.00 14.51
CA SER B 192 15.20 19.35 13.15
C SER B 192 15.15 20.86 13.01
N GLN B 193 14.66 21.52 14.05
CA GLN B 193 14.56 22.97 14.06
C GLN B 193 15.94 23.59 13.85
N LYS B 194 16.91 23.11 14.61
CA LYS B 194 18.27 23.62 14.51
C LYS B 194 18.91 23.26 13.18
N ASP B 195 18.84 21.98 12.81
CA ASP B 195 19.43 21.55 11.55
C ASP B 195 18.93 22.46 10.44
N HIS B 196 17.61 22.58 10.34
CA HIS B 196 16.99 23.40 9.32
C HIS B 196 17.47 24.84 9.34
N ARG B 197 17.49 25.44 10.52
CA ARG B 197 17.92 26.81 10.67
C ARG B 197 19.37 26.96 10.19
N GLU B 198 20.25 26.10 10.67
CA GLU B 198 21.65 26.15 10.28
C GLU B 198 21.78 25.99 8.78
N PHE B 199 21.03 25.03 8.22
CA PHE B 199 21.08 24.78 6.79
C PHE B 199 20.78 26.07 6.04
N LEU B 200 19.75 26.77 6.48
CA LEU B 200 19.35 28.03 5.85
C LEU B 200 20.44 29.09 5.99
N ILE B 201 21.00 29.20 7.18
CA ILE B 201 22.05 30.17 7.43
C ILE B 201 23.21 29.97 6.45
N LYS B 202 23.64 28.71 6.29
CA LYS B 202 24.75 28.39 5.40
C LYS B 202 24.42 28.38 3.91
N ASN B 203 23.18 28.08 3.56
CA ASN B 203 22.84 27.98 2.15
C ASN B 203 21.89 29.01 1.57
N MET B 204 21.09 29.63 2.42
CA MET B 204 20.13 30.64 1.96
C MET B 204 19.51 30.38 0.59
N PRO B 205 18.85 29.23 0.42
CA PRO B 205 18.24 28.99 -0.90
C PRO B 205 17.24 30.10 -1.21
N GLN B 206 17.41 30.73 -2.37
CA GLN B 206 16.58 31.85 -2.78
C GLN B 206 15.15 31.57 -3.22
N CYS B 207 14.95 30.50 -3.97
CA CYS B 207 13.63 30.18 -4.51
C CYS B 207 12.46 30.15 -3.51
N ILE B 208 12.72 29.77 -2.26
CA ILE B 208 11.63 29.72 -1.28
C ILE B 208 11.21 31.07 -0.68
N LEU B 209 11.72 32.16 -1.24
CA LEU B 209 11.36 33.51 -0.79
C LEU B 209 10.27 34.06 -1.71
N LYS B 210 10.20 33.54 -2.93
CA LYS B 210 9.22 33.97 -3.92
C LYS B 210 7.85 33.40 -3.57
N LYS B 211 6.89 34.30 -3.33
CA LYS B 211 5.53 33.89 -2.98
C LYS B 211 4.74 33.51 -4.24
N PRO B 212 4.03 32.39 -4.19
CA PRO B 212 3.25 32.00 -5.37
C PRO B 212 2.04 32.90 -5.58
N LEU B 213 1.65 33.09 -6.84
CA LEU B 213 0.49 33.91 -7.15
C LEU B 213 -0.73 33.08 -6.76
N LYS B 214 -1.76 33.72 -6.23
CA LYS B 214 -2.96 32.99 -5.84
C LYS B 214 -3.45 32.13 -6.99
N THR B 215 -3.27 32.61 -8.22
CA THR B 215 -3.71 31.89 -9.40
C THR B 215 -2.78 30.74 -9.80
N ASP B 216 -1.63 30.61 -9.11
CA ASP B 216 -0.70 29.54 -9.40
C ASP B 216 -1.01 28.30 -8.55
N VAL B 217 -1.82 28.47 -7.51
CA VAL B 217 -2.15 27.35 -6.64
C VAL B 217 -3.30 26.54 -7.24
N VAL B 218 -3.05 25.25 -7.49
CA VAL B 218 -4.06 24.39 -8.09
C VAL B 218 -4.87 23.55 -7.10
N SER B 219 -4.57 23.68 -5.81
CA SER B 219 -5.30 22.93 -4.80
C SER B 219 -6.52 23.73 -4.33
N PRO B 220 -7.64 23.06 -4.08
CA PRO B 220 -8.85 23.76 -3.62
C PRO B 220 -8.51 24.64 -2.44
N ALA B 221 -8.97 25.89 -2.49
CA ALA B 221 -8.71 26.84 -1.42
C ALA B 221 -9.14 26.31 -0.06
N VAL B 222 -8.35 26.60 0.97
CA VAL B 222 -8.68 26.17 2.32
C VAL B 222 -8.69 27.40 3.20
N CYS B 223 -9.86 27.73 3.76
CA CYS B 223 -9.98 28.90 4.61
C CYS B 223 -9.43 28.60 6.00
N GLY B 224 -8.33 29.28 6.35
CA GLY B 224 -7.72 29.07 7.64
C GLY B 224 -6.31 28.47 7.54
N ASN B 225 -5.75 28.44 6.34
CA ASN B 225 -4.40 27.90 6.17
C ASN B 225 -3.34 28.98 6.04
N TYR B 226 -3.70 30.20 6.43
CA TYR B 226 -2.79 31.35 6.39
C TYR B 226 -2.27 31.77 5.02
N PHE B 227 -2.95 31.36 3.96
CA PHE B 227 -2.55 31.76 2.61
C PHE B 227 -3.82 32.15 1.88
N VAL B 228 -3.80 33.31 1.25
CA VAL B 228 -4.95 33.82 0.52
C VAL B 228 -5.04 33.15 -0.84
N GLU B 229 -6.09 32.37 -1.03
CA GLU B 229 -6.29 31.64 -2.29
C GLU B 229 -7.50 32.18 -3.04
N VAL B 230 -7.54 31.92 -4.35
CA VAL B 230 -8.64 32.38 -5.18
C VAL B 230 -9.97 32.13 -4.48
N GLY B 231 -10.77 33.19 -4.34
CA GLY B 231 -12.06 33.08 -3.68
C GLY B 231 -12.03 33.63 -2.27
N GLU B 232 -10.84 33.85 -1.73
CA GLU B 232 -10.68 34.39 -0.39
C GLU B 232 -10.17 35.82 -0.48
N GLU B 233 -10.48 36.63 0.53
CA GLU B 233 -10.03 38.02 0.55
C GLU B 233 -8.88 38.16 1.52
N CYS B 234 -8.88 37.29 2.54
CA CYS B 234 -7.84 37.27 3.56
C CYS B 234 -7.89 35.91 4.26
N ASP B 235 -6.83 35.61 5.01
CA ASP B 235 -6.75 34.33 5.72
C ASP B 235 -5.76 34.46 6.87
N CYS B 236 -6.30 34.62 8.07
CA CYS B 236 -5.50 34.78 9.30
C CYS B 236 -5.52 33.52 10.16
N GLY B 237 -6.00 32.41 9.58
CA GLY B 237 -6.07 31.18 10.32
C GLY B 237 -7.48 30.94 10.86
N SER B 238 -7.59 30.10 11.86
CA SER B 238 -8.89 29.80 12.45
C SER B 238 -9.36 30.97 13.30
N PRO B 239 -10.65 30.99 13.66
CA PRO B 239 -11.18 32.08 14.48
C PRO B 239 -10.47 32.17 15.83
N ARG B 240 -9.87 31.07 16.27
CA ARG B 240 -9.20 31.05 17.55
C ARG B 240 -7.77 31.61 17.54
N THR B 241 -7.08 31.48 16.42
CA THR B 241 -5.70 31.96 16.32
C THR B 241 -5.57 33.27 15.55
N CYS B 242 -6.63 33.66 14.85
CA CYS B 242 -6.60 34.88 14.07
C CYS B 242 -6.27 36.13 14.91
N ARG B 243 -5.24 36.85 14.51
CA ARG B 243 -4.83 38.05 15.20
C ARG B 243 -5.00 39.28 14.33
N ASP B 244 -5.66 39.12 13.20
CA ASP B 244 -5.88 40.23 12.27
C ASP B 244 -7.31 40.74 12.36
N PRO B 245 -7.51 41.87 13.06
CA PRO B 245 -8.82 42.49 13.24
C PRO B 245 -9.53 42.85 11.95
N CYS B 246 -8.80 42.95 10.85
CA CYS B 246 -9.39 43.31 9.57
C CYS B 246 -10.11 42.15 8.89
N CYS B 247 -9.71 40.93 9.25
CA CYS B 247 -10.28 39.73 8.63
C CYS B 247 -11.22 38.95 9.54
N ASP B 248 -12.25 38.36 8.92
CA ASP B 248 -13.19 37.53 9.64
C ASP B 248 -12.76 36.11 9.29
N ALA B 249 -11.92 35.53 10.15
CA ALA B 249 -11.39 34.19 9.95
C ALA B 249 -12.39 33.09 9.61
N THR B 250 -13.66 33.31 9.91
CA THR B 250 -14.68 32.29 9.65
C THR B 250 -15.08 32.18 8.18
N THR B 251 -15.07 33.31 7.49
CA THR B 251 -15.47 33.33 6.09
C THR B 251 -14.31 33.62 5.15
N CYS B 252 -13.18 34.05 5.70
CA CYS B 252 -12.03 34.42 4.90
C CYS B 252 -12.41 35.57 3.98
N LYS B 253 -13.19 36.49 4.55
CA LYS B 253 -13.66 37.68 3.86
C LYS B 253 -13.29 38.87 4.75
N LEU B 254 -13.02 40.01 4.12
CA LEU B 254 -12.66 41.21 4.86
C LEU B 254 -13.87 41.64 5.69
N ARG B 255 -13.62 42.21 6.87
CA ARG B 255 -14.73 42.67 7.70
C ARG B 255 -15.15 44.06 7.25
N GLN B 256 -16.46 44.23 7.11
CA GLN B 256 -17.05 45.49 6.65
C GLN B 256 -16.20 46.71 7.01
N GLY B 257 -15.96 47.55 6.01
CA GLY B 257 -15.17 48.74 6.21
C GLY B 257 -13.78 48.58 5.60
N ALA B 258 -13.00 47.66 6.16
CA ALA B 258 -11.64 47.39 5.71
C ALA B 258 -11.53 47.22 4.20
N GLN B 259 -10.34 47.53 3.67
CA GLN B 259 -10.07 47.41 2.23
C GLN B 259 -8.99 46.35 2.00
N CYS B 260 -8.23 46.07 3.06
CA CYS B 260 -7.14 45.11 3.02
C CYS B 260 -6.91 44.56 4.42
N ALA B 261 -5.97 43.63 4.56
CA ALA B 261 -5.69 43.04 5.86
C ALA B 261 -4.19 42.88 6.11
N GLU B 262 -3.57 41.97 5.37
CA GLU B 262 -2.15 41.72 5.53
C GLU B 262 -1.41 42.42 4.41
N GLY B 263 -0.22 42.93 4.72
CA GLY B 263 0.57 43.60 3.70
C GLY B 263 1.27 44.84 4.20
N LEU B 264 2.24 45.29 3.42
CA LEU B 264 3.02 46.48 3.76
C LEU B 264 2.30 47.77 3.42
N CYS B 265 1.25 47.68 2.61
CA CYS B 265 0.49 48.87 2.24
C CYS B 265 -0.93 48.83 2.79
N CYS B 266 -1.04 48.52 4.08
CA CYS B 266 -2.33 48.48 4.73
C CYS B 266 -2.15 48.90 6.18
N ASP B 267 -2.95 49.87 6.62
CA ASP B 267 -2.90 50.35 8.00
C ASP B 267 -4.32 50.44 8.51
N GLN B 268 -4.54 49.96 9.74
CA GLN B 268 -5.87 49.96 10.33
C GLN B 268 -6.94 49.55 9.33
N CYS B 269 -6.65 48.50 8.56
CA CYS B 269 -7.57 47.98 7.57
C CYS B 269 -7.86 48.91 6.40
N ARG B 270 -6.95 49.84 6.13
CA ARG B 270 -7.13 50.75 5.01
C ARG B 270 -5.82 50.96 4.24
N PHE B 271 -5.94 51.11 2.93
CA PHE B 271 -4.79 51.32 2.06
C PHE B 271 -3.92 52.46 2.53
N LYS B 272 -2.62 52.20 2.71
CA LYS B 272 -1.71 53.25 3.14
C LYS B 272 -1.79 54.38 2.10
N GLY B 273 -1.42 55.59 2.53
CA GLY B 273 -1.48 56.73 1.63
C GLY B 273 -0.62 56.61 0.39
N ALA B 274 -1.17 56.99 -0.76
CA ALA B 274 -0.43 56.96 -2.01
C ALA B 274 0.88 57.70 -1.81
N GLY B 275 1.98 57.11 -2.25
CA GLY B 275 3.26 57.77 -2.09
C GLY B 275 3.91 57.48 -0.76
N THR B 276 3.27 56.64 0.05
CA THR B 276 3.82 56.30 1.34
C THR B 276 4.88 55.21 1.18
N GLU B 277 5.96 55.32 1.95
CA GLU B 277 7.04 54.35 1.90
C GLU B 277 6.64 53.10 2.66
N CYS B 278 6.75 51.95 2.00
CA CYS B 278 6.40 50.68 2.61
C CYS B 278 7.67 49.91 2.97
N ARG B 279 8.57 49.81 2.01
CA ARG B 279 9.83 49.09 2.17
C ARG B 279 11.02 50.00 1.87
N ALA B 280 11.88 50.19 2.86
CA ALA B 280 13.06 51.02 2.69
C ALA B 280 14.10 50.29 1.84
N ALA B 281 15.03 51.05 1.27
CA ALA B 281 16.09 50.47 0.44
C ALA B 281 17.04 49.65 1.31
N LYS B 282 17.39 48.45 0.85
CA LYS B 282 18.28 47.57 1.59
C LYS B 282 19.76 47.83 1.30
N ASP B 283 20.04 48.36 0.11
CA ASP B 283 21.42 48.66 -0.28
C ASP B 283 21.49 49.74 -1.36
N GLU B 284 22.68 50.26 -1.55
CA GLU B 284 22.94 51.32 -2.53
C GLU B 284 22.37 51.10 -3.93
N CYS B 285 21.93 49.88 -4.22
CA CYS B 285 21.35 49.59 -5.54
C CYS B 285 19.86 49.36 -5.46
N ASP B 286 19.27 49.69 -4.32
CA ASP B 286 17.84 49.52 -4.13
C ASP B 286 17.18 50.89 -4.00
N MET B 287 15.90 50.95 -4.33
CA MET B 287 15.15 52.21 -4.24
C MET B 287 13.94 51.99 -3.34
N ALA B 288 13.73 52.91 -2.40
CA ALA B 288 12.60 52.81 -1.48
C ALA B 288 11.32 52.56 -2.26
N ASP B 289 10.55 51.58 -1.80
CA ASP B 289 9.29 51.23 -2.45
C ASP B 289 8.14 52.05 -1.86
N VAL B 290 7.19 52.44 -2.72
CA VAL B 290 6.07 53.27 -2.31
C VAL B 290 4.69 52.68 -2.68
N CYS B 291 3.72 52.88 -1.80
CA CYS B 291 2.37 52.38 -2.05
C CYS B 291 1.66 53.19 -3.13
N THR B 292 0.71 52.56 -3.81
CA THR B 292 -0.02 53.24 -4.88
C THR B 292 -1.37 53.78 -4.41
N GLY B 293 -1.74 53.48 -3.18
CA GLY B 293 -3.01 53.95 -2.65
C GLY B 293 -4.18 53.03 -2.90
N ARG B 294 -4.26 52.43 -4.09
CA ARG B 294 -5.36 51.53 -4.44
C ARG B 294 -5.00 50.05 -4.25
N SER B 295 -3.70 49.76 -4.21
CA SER B 295 -3.23 48.40 -4.06
C SER B 295 -2.93 48.05 -2.61
N ALA B 296 -2.74 46.76 -2.35
CA ALA B 296 -2.46 46.28 -1.00
C ALA B 296 -1.01 45.80 -0.89
N GLU B 297 -0.45 45.34 -2.02
CA GLU B 297 0.92 44.86 -2.04
C GLU B 297 1.86 46.01 -2.42
N CYS B 298 3.16 45.82 -2.19
CA CYS B 298 4.12 46.87 -2.49
C CYS B 298 5.25 46.43 -3.41
N THR B 299 5.07 46.67 -4.71
CA THR B 299 6.05 46.32 -5.73
C THR B 299 7.47 46.72 -5.32
N ASP B 300 8.45 45.91 -5.69
CA ASP B 300 9.83 46.20 -5.36
C ASP B 300 10.59 46.73 -6.57
N ARG B 301 11.19 47.89 -6.41
CA ARG B 301 11.94 48.54 -7.48
C ARG B 301 13.36 48.87 -7.03
N PHE B 302 14.29 48.90 -7.97
CA PHE B 302 15.68 49.20 -7.65
C PHE B 302 16.18 50.42 -8.41
N GLN B 303 17.41 50.83 -8.13
CA GLN B 303 18.01 51.97 -8.80
C GLN B 303 18.08 51.71 -10.31
N ARG B 304 18.35 52.75 -11.07
CA ARG B 304 18.47 52.66 -12.52
C ARG B 304 19.85 52.06 -12.84
N ASN B 305 19.89 51.07 -13.73
CA ASN B 305 21.15 50.44 -14.08
C ASN B 305 22.19 51.49 -14.48
N GLY B 306 23.37 51.41 -13.90
CA GLY B 306 24.42 52.36 -14.21
C GLY B 306 24.84 53.16 -12.99
N GLN B 307 24.05 53.07 -11.94
CA GLN B 307 24.33 53.77 -10.68
C GLN B 307 25.61 53.20 -10.07
N PRO B 308 26.63 54.04 -9.88
CA PRO B 308 27.88 53.55 -9.29
C PRO B 308 27.66 52.96 -7.89
N CYS B 309 28.25 51.79 -7.65
CA CYS B 309 28.11 51.09 -6.38
C CYS B 309 29.41 50.53 -5.84
N LYS B 310 29.36 50.09 -4.58
CA LYS B 310 30.50 49.51 -3.89
C LYS B 310 31.80 50.26 -4.10
N ASN B 311 31.85 51.51 -3.65
CA ASN B 311 33.05 52.35 -3.76
C ASN B 311 33.65 52.44 -5.15
N ASN B 312 32.83 52.76 -6.14
CA ASN B 312 33.29 52.88 -7.52
C ASN B 312 34.04 51.66 -8.02
N ASN B 313 33.52 50.49 -7.67
CA ASN B 313 34.12 49.24 -8.12
C ASN B 313 33.14 48.56 -9.06
N GLY B 314 31.89 49.04 -9.04
CA GLY B 314 30.86 48.49 -9.91
C GLY B 314 29.72 49.46 -10.21
N TYR B 315 28.77 48.98 -11.01
CA TYR B 315 27.61 49.77 -11.39
C TYR B 315 26.39 48.88 -11.15
N CYS B 316 25.31 49.46 -10.62
CA CYS B 316 24.11 48.69 -10.34
C CYS B 316 23.53 48.02 -11.57
N TYR B 317 23.07 46.78 -11.39
CA TYR B 317 22.48 46.02 -12.48
C TYR B 317 21.29 45.23 -11.94
N ASN B 318 20.09 45.65 -12.30
CA ASN B 318 18.87 44.99 -11.86
C ASN B 318 18.79 44.77 -10.35
N GLY B 319 19.37 45.67 -9.59
CA GLY B 319 19.30 45.55 -8.14
C GLY B 319 20.57 45.09 -7.46
N LYS B 320 21.51 44.55 -8.23
CA LYS B 320 22.76 44.08 -7.64
C LYS B 320 23.94 44.89 -8.14
N CYS B 321 25.10 44.61 -7.57
CA CYS B 321 26.34 45.30 -7.93
C CYS B 321 27.37 44.26 -8.35
N PRO B 322 27.19 43.65 -9.53
CA PRO B 322 28.12 42.63 -10.05
C PRO B 322 29.55 43.12 -10.15
N ILE B 323 30.42 42.53 -9.32
CA ILE B 323 31.83 42.88 -9.28
C ILE B 323 32.68 41.67 -9.66
N MET B 324 33.78 41.93 -10.35
CA MET B 324 34.68 40.88 -10.79
C MET B 324 35.36 40.16 -9.61
N ALA B 325 35.58 40.87 -8.51
CA ALA B 325 36.22 40.28 -7.34
C ALA B 325 35.29 39.31 -6.63
N ASP B 326 34.02 39.67 -6.55
CA ASP B 326 33.05 38.81 -5.90
C ASP B 326 32.76 37.56 -6.72
N GLN B 327 32.84 37.69 -8.05
CA GLN B 327 32.59 36.54 -8.91
C GLN B 327 33.69 35.51 -8.74
N CYS B 328 34.93 35.97 -8.66
CA CYS B 328 36.07 35.07 -8.47
C CYS B 328 35.95 34.34 -7.13
N ILE B 329 35.49 35.04 -6.11
CA ILE B 329 35.31 34.42 -4.80
C ILE B 329 34.22 33.36 -4.84
N ALA B 330 33.17 33.65 -5.60
CA ALA B 330 32.05 32.72 -5.71
C ALA B 330 32.42 31.45 -6.47
N LEU B 331 33.38 31.55 -7.39
CA LEU B 331 33.79 30.40 -8.18
C LEU B 331 34.92 29.57 -7.54
N PHE B 332 35.88 30.25 -6.93
CA PHE B 332 37.02 29.57 -6.33
C PHE B 332 37.14 29.66 -4.81
N GLY B 333 36.18 30.30 -4.16
CA GLY B 333 36.22 30.39 -2.71
C GLY B 333 37.03 31.56 -2.16
N PRO B 334 36.95 31.80 -0.85
CA PRO B 334 37.66 32.88 -0.14
C PRO B 334 39.13 32.94 -0.50
N GLY B 335 39.64 34.16 -0.73
CA GLY B 335 41.04 34.33 -1.07
C GLY B 335 41.23 34.57 -2.55
N ALA B 336 40.28 34.07 -3.34
CA ALA B 336 40.33 34.22 -4.79
C ALA B 336 40.34 35.70 -5.17
N THR B 337 41.26 36.07 -6.04
CA THR B 337 41.37 37.44 -6.50
C THR B 337 41.33 37.44 -8.01
N VAL B 338 41.08 38.62 -8.59
CA VAL B 338 41.01 38.76 -10.04
C VAL B 338 42.41 38.75 -10.63
N SER B 339 42.58 38.00 -11.70
CA SER B 339 43.87 37.91 -12.37
C SER B 339 44.25 39.26 -12.93
N GLN B 340 45.54 39.43 -13.17
CA GLN B 340 46.06 40.66 -13.73
C GLN B 340 45.51 40.80 -15.15
N ASP B 341 45.42 42.04 -15.63
CA ASP B 341 44.90 42.33 -16.95
C ASP B 341 45.45 41.46 -18.08
N ALA B 342 46.76 41.36 -18.18
CA ALA B 342 47.40 40.57 -19.22
C ALA B 342 46.79 39.18 -19.42
N CYS B 343 46.18 38.62 -18.38
CA CYS B 343 45.58 37.29 -18.47
C CYS B 343 44.36 37.29 -19.38
N PHE B 344 43.60 38.37 -19.33
CA PHE B 344 42.40 38.48 -20.14
C PHE B 344 42.67 38.49 -21.64
N GLN B 345 43.92 38.72 -22.03
CA GLN B 345 44.27 38.71 -23.45
C GLN B 345 43.94 37.35 -24.07
N PHE B 346 43.80 36.34 -23.22
CA PHE B 346 43.48 35.00 -23.69
C PHE B 346 42.11 34.97 -24.34
N ASN B 347 41.29 35.98 -24.06
CA ASN B 347 39.95 36.06 -24.62
C ASN B 347 39.94 36.50 -26.08
N ARG B 348 41.06 37.06 -26.54
CA ARG B 348 41.16 37.50 -27.94
C ARG B 348 41.47 36.30 -28.84
N GLU B 349 41.69 35.15 -28.22
CA GLU B 349 42.02 33.94 -28.96
C GLU B 349 40.82 33.35 -29.67
N GLY B 350 39.67 33.39 -29.01
CA GLY B 350 38.48 32.81 -29.60
C GLY B 350 38.65 31.30 -29.55
N ASN B 351 39.54 30.83 -28.67
CA ASN B 351 39.78 29.41 -28.53
C ASN B 351 38.62 28.76 -27.77
N HIS B 352 38.83 27.55 -27.28
CA HIS B 352 37.78 26.82 -26.58
C HIS B 352 37.22 27.47 -25.31
N TYR B 353 38.04 28.21 -24.59
CA TYR B 353 37.58 28.85 -23.36
C TYR B 353 37.66 30.35 -23.42
N GLY B 354 38.60 30.86 -24.22
CA GLY B 354 38.80 32.29 -24.33
C GLY B 354 38.08 32.98 -25.48
N TYR B 355 36.91 33.52 -25.19
CA TYR B 355 36.09 34.23 -26.16
C TYR B 355 35.18 35.22 -25.45
N CYS B 356 34.35 35.94 -26.21
CA CYS B 356 33.43 36.91 -25.62
C CYS B 356 31.97 36.51 -25.72
N ARG B 357 31.62 35.83 -26.81
CA ARG B 357 30.25 35.38 -27.01
C ARG B 357 30.19 34.35 -28.13
N LYS B 358 29.00 33.79 -28.35
CA LYS B 358 28.78 32.81 -29.40
C LYS B 358 27.74 33.37 -30.36
N GLU B 359 27.89 33.09 -31.65
CA GLU B 359 26.92 33.56 -32.65
C GLU B 359 25.73 32.59 -32.65
N GLN B 360 26.04 31.31 -32.49
CA GLN B 360 25.05 30.24 -32.44
C GLN B 360 25.72 29.12 -31.67
N ASN B 361 26.91 28.74 -32.14
CA ASN B 361 27.71 27.69 -31.51
C ASN B 361 29.17 28.01 -31.79
N THR B 362 29.38 29.03 -32.61
CA THR B 362 30.71 29.48 -32.99
C THR B 362 31.19 30.53 -31.99
N LYS B 363 32.30 30.26 -31.33
CA LYS B 363 32.87 31.18 -30.36
C LYS B 363 33.58 32.35 -31.02
N ILE B 364 33.17 33.57 -30.65
CA ILE B 364 33.75 34.78 -31.22
C ILE B 364 34.73 35.45 -30.26
N ALA B 365 35.99 35.52 -30.68
CA ALA B 365 37.05 36.13 -29.88
C ALA B 365 36.73 37.57 -29.54
N CYS B 366 37.17 38.01 -28.36
CA CYS B 366 36.94 39.37 -27.91
C CYS B 366 37.76 40.39 -28.69
N GLU B 367 37.25 41.61 -28.74
CA GLU B 367 37.94 42.72 -29.39
C GLU B 367 38.93 43.20 -28.33
N PRO B 368 40.02 43.85 -28.74
CA PRO B 368 41.01 44.34 -27.76
C PRO B 368 40.35 45.14 -26.63
N GLN B 369 39.27 45.82 -26.96
CA GLN B 369 38.55 46.64 -26.00
C GLN B 369 37.51 45.88 -25.18
N ASP B 370 37.14 44.68 -25.60
CA ASP B 370 36.13 43.90 -24.89
C ASP B 370 36.71 42.75 -24.04
N VAL B 371 38.03 42.64 -24.04
CA VAL B 371 38.73 41.60 -23.31
C VAL B 371 38.18 41.29 -21.91
N LYS B 372 37.80 42.32 -21.16
CA LYS B 372 37.27 42.12 -19.80
C LYS B 372 35.84 41.60 -19.73
N CYS B 373 35.25 41.25 -20.88
CA CYS B 373 33.87 40.77 -20.87
C CYS B 373 33.66 39.34 -21.33
N GLY B 374 34.76 38.61 -21.56
CA GLY B 374 34.65 37.23 -21.98
C GLY B 374 34.82 36.29 -20.80
N ARG B 375 35.75 35.36 -20.89
CA ARG B 375 36.00 34.42 -19.81
C ARG B 375 36.67 35.15 -18.63
N LEU B 376 36.22 34.86 -17.41
CA LEU B 376 36.79 35.49 -16.22
C LEU B 376 38.06 34.75 -15.82
N TYR B 377 39.12 35.50 -15.53
CA TYR B 377 40.37 34.88 -15.12
C TYR B 377 40.63 35.20 -13.66
N CYS B 378 40.77 34.17 -12.84
CA CYS B 378 41.03 34.37 -11.42
C CYS B 378 42.33 33.77 -10.97
N PHE B 379 42.75 34.17 -9.79
CA PHE B 379 43.99 33.71 -9.20
C PHE B 379 43.77 33.44 -7.71
N PRO B 380 43.88 32.19 -7.28
CA PRO B 380 43.69 31.96 -5.84
C PRO B 380 44.94 32.54 -5.16
N ASN B 381 44.78 33.66 -4.46
CA ASN B 381 45.90 34.33 -3.80
C ASN B 381 46.46 33.58 -2.59
N SER B 382 47.57 32.88 -2.81
CA SER B 382 48.25 32.13 -1.77
C SER B 382 49.71 31.96 -2.17
N PRO B 383 50.58 31.57 -1.22
CA PRO B 383 51.99 31.38 -1.52
C PRO B 383 52.21 30.23 -2.50
N GLU B 384 51.38 29.20 -2.35
CA GLU B 384 51.44 27.99 -3.18
C GLU B 384 51.29 28.25 -4.68
N ASN B 385 50.05 28.35 -5.15
CA ASN B 385 49.72 28.56 -6.57
C ASN B 385 50.77 29.32 -7.39
N LYS B 386 51.06 28.79 -8.58
CA LYS B 386 52.05 29.40 -9.45
C LYS B 386 51.54 29.84 -10.81
N ASN B 387 50.22 29.88 -10.99
CA ASN B 387 49.66 30.29 -12.29
C ASN B 387 48.80 31.53 -12.16
N PRO B 388 49.27 32.67 -12.70
CA PRO B 388 48.47 33.89 -12.59
C PRO B 388 47.09 33.83 -13.28
N CYS B 389 46.98 33.02 -14.34
CA CYS B 389 45.70 32.91 -15.05
C CYS B 389 45.01 31.56 -14.85
N ASN B 390 43.76 31.61 -14.40
CA ASN B 390 42.97 30.40 -14.15
C ASN B 390 41.51 30.68 -14.50
N ILE B 391 40.85 29.69 -15.10
CA ILE B 391 39.46 29.85 -15.48
C ILE B 391 38.59 28.74 -14.93
N TYR B 392 37.30 29.03 -14.78
CA TYR B 392 36.31 28.08 -14.29
C TYR B 392 35.47 27.65 -15.50
N TYR B 393 35.38 26.35 -15.76
CA TYR B 393 34.63 25.87 -16.92
C TYR B 393 33.74 24.67 -16.67
N SER B 394 32.58 24.66 -17.32
CA SER B 394 31.63 23.56 -17.19
C SER B 394 31.19 23.08 -18.57
N PRO B 395 31.41 21.79 -18.87
CA PRO B 395 31.02 21.21 -20.15
C PRO B 395 29.50 21.27 -20.35
N ASN B 396 28.78 21.41 -19.25
CA ASN B 396 27.32 21.48 -19.28
C ASN B 396 26.81 22.82 -19.76
N ASP B 397 27.53 23.89 -19.41
CA ASP B 397 27.13 25.25 -19.77
C ASP B 397 28.40 26.09 -19.90
N GLU B 398 28.83 26.32 -21.14
CA GLU B 398 30.03 27.10 -21.40
C GLU B 398 29.92 28.57 -21.00
N ASP B 399 28.71 29.01 -20.69
CA ASP B 399 28.47 30.38 -20.27
C ASP B 399 28.91 30.55 -18.81
N LYS B 400 28.87 29.45 -18.07
CA LYS B 400 29.26 29.42 -16.67
C LYS B 400 30.76 29.69 -16.52
N GLY B 401 31.10 30.74 -15.76
CA GLY B 401 32.50 31.07 -15.59
C GLY B 401 32.87 32.26 -16.43
N MET B 402 31.90 32.76 -17.20
CA MET B 402 32.09 33.94 -18.04
C MET B 402 31.75 35.14 -17.17
N VAL B 403 32.38 36.27 -17.41
CA VAL B 403 32.10 37.48 -16.63
C VAL B 403 30.58 37.72 -16.69
N LEU B 404 29.99 38.04 -15.54
CA LEU B 404 28.56 38.29 -15.47
C LEU B 404 28.15 39.61 -16.11
N PRO B 405 26.98 39.63 -16.78
CA PRO B 405 26.50 40.86 -17.41
C PRO B 405 26.30 41.98 -16.39
N GLY B 406 26.70 43.19 -16.77
CA GLY B 406 26.56 44.32 -15.87
C GLY B 406 27.79 44.57 -15.03
N THR B 407 28.81 43.73 -15.22
CA THR B 407 30.05 43.85 -14.47
C THR B 407 30.94 44.96 -15.00
N LYS B 408 31.40 45.83 -14.11
CA LYS B 408 32.27 46.93 -14.47
C LYS B 408 33.53 46.38 -15.13
N CYS B 409 33.79 46.83 -16.36
CA CYS B 409 34.95 46.38 -17.12
C CYS B 409 35.94 47.52 -17.37
N ALA B 410 35.62 48.70 -16.85
CA ALA B 410 36.46 49.88 -16.99
C ALA B 410 35.67 51.08 -16.47
N ASP B 411 36.30 52.25 -16.42
CA ASP B 411 35.60 53.43 -15.93
C ASP B 411 34.37 53.72 -16.80
N ARG B 412 33.23 53.89 -16.16
CA ARG B 412 31.97 54.20 -16.85
C ARG B 412 31.59 53.15 -17.90
N LYS B 413 32.04 51.91 -17.69
CA LYS B 413 31.74 50.83 -18.62
C LYS B 413 31.44 49.51 -17.92
N ALA B 414 30.49 48.77 -18.48
CA ALA B 414 30.09 47.48 -17.93
C ALA B 414 29.81 46.51 -19.09
N CYS B 415 29.84 45.22 -18.80
CA CYS B 415 29.60 44.22 -19.84
C CYS B 415 28.13 44.07 -20.20
N SER B 416 27.84 44.02 -21.50
CA SER B 416 26.48 43.88 -21.96
C SER B 416 26.26 42.48 -22.55
N ASN B 417 26.84 42.25 -23.71
CA ASN B 417 26.72 40.94 -24.34
C ASN B 417 28.08 40.55 -24.88
N GLY B 418 29.07 40.59 -23.99
CA GLY B 418 30.42 40.25 -24.37
C GLY B 418 31.16 41.49 -24.80
N GLN B 419 30.56 42.65 -24.56
CA GLN B 419 31.17 43.91 -24.93
C GLN B 419 31.20 44.86 -23.75
N CYS B 420 32.28 45.62 -23.65
CA CYS B 420 32.43 46.60 -22.58
C CYS B 420 31.79 47.88 -23.16
N VAL B 421 30.71 48.33 -22.55
CA VAL B 421 30.01 49.51 -23.04
C VAL B 421 29.69 50.56 -21.97
N ASP B 422 29.30 51.75 -22.42
CA ASP B 422 28.96 52.87 -21.55
C ASP B 422 27.74 52.62 -20.67
N VAL B 423 27.90 52.87 -19.38
CA VAL B 423 26.81 52.67 -18.42
C VAL B 423 25.79 53.79 -18.54
N THR B 424 26.12 54.83 -19.30
CA THR B 424 25.19 55.94 -19.46
C THR B 424 24.16 55.69 -20.56
N THR B 425 24.28 54.56 -21.24
CA THR B 425 23.34 54.18 -22.29
C THR B 425 22.44 53.09 -21.69
N PRO B 426 21.12 53.34 -21.62
CA PRO B 426 20.15 52.38 -21.07
C PRO B 426 20.46 50.91 -21.34
N TYR B 427 20.46 50.11 -20.27
CA TYR B 427 20.72 48.67 -20.39
C TYR B 427 20.15 47.91 -19.19
#